data_3Q4L
#
_entry.id   3Q4L
#
_cell.length_a   34.840
_cell.length_b   79.570
_cell.length_c   81.640
_cell.angle_alpha   65.280
_cell.angle_beta   75.260
_cell.angle_gamma   82.220
#
_symmetry.space_group_name_H-M   'P 1'
#
loop_
_entity.id
_entity.type
_entity.pdbx_description
1 polymer 'DNA polymerase III subunit beta'
2 polymer 'peptide ligand'
3 non-polymer 'SODIUM ION'
4 water water
#
loop_
_entity_poly.entity_id
_entity_poly.type
_entity_poly.pdbx_seq_one_letter_code
_entity_poly.pdbx_strand_id
1 'polypeptide(L)'
;AAMKFTVEREHLLKPLQQVSGPLGGRPTLPILGNLLLQVADGTLSLTGTDLEMEMVARVALVQPHEPGATTVPARKFFDI
CRGLPEGAEIAVQLEGERMLVRSGRSRFSLSTLPAADFPNLDDWQSEVEFTLPQATMKRLIEATQFSMAHQDVRYYLNGM
LFETEGEELRTVATDGHRLAVCSMPIGQSLPSHSVIVPRKGVIELMRMLDGGDNPLRVQIGSNNIRAHVGDFIFTSKLVD
GRFPDYRRVLPKNPDKHLEAGCDLLKQAFARAAILSNEKFRGVRLYVSENQLKITANNPEQEEAEEILDVTYSGAEMEIG
FNVSYVLDVLNALKCENVRMMLTDSVSSVQIEDAASQSAAYVVMPMRL
;
A,B
2 'polypeptide(L)' (ACE)Q(ALC)DL(ZCL) C,D
#
loop_
_chem_comp.id
_chem_comp.type
_chem_comp.name
_chem_comp.formula
ACE non-polymer 'ACETYL GROUP' 'C2 H4 O'
NA non-polymer 'SODIUM ION' 'Na 1'
#
# COMPACT_ATOMS: atom_id res chain seq x y z
N ALA A 1 -35.26 -20.73 -2.89
CA ALA A 1 -35.48 -21.58 -1.72
C ALA A 1 -34.94 -23.00 -1.93
N ALA A 2 -35.00 -23.48 -3.18
CA ALA A 2 -34.47 -24.79 -3.59
C ALA A 2 -33.22 -24.62 -4.43
N MET A 3 -32.66 -23.38 -4.47
CA MET A 3 -31.46 -23.07 -5.23
C MET A 3 -30.29 -24.00 -4.84
N LYS A 4 -29.72 -24.70 -5.83
CA LYS A 4 -28.56 -25.59 -5.66
C LYS A 4 -27.58 -25.44 -6.80
N PHE A 5 -26.29 -25.46 -6.48
CA PHE A 5 -25.24 -25.46 -7.49
C PHE A 5 -23.93 -25.96 -6.93
N THR A 6 -23.10 -26.56 -7.79
CA THR A 6 -21.73 -26.97 -7.48
C THR A 6 -20.88 -26.39 -8.58
N VAL A 7 -19.87 -25.63 -8.22
CA VAL A 7 -19.00 -25.00 -9.18
C VAL A 7 -17.56 -25.06 -8.66
N GLU A 8 -16.62 -25.19 -9.59
CA GLU A 8 -15.20 -25.22 -9.28
C GLU A 8 -14.82 -23.84 -8.80
N ARG A 9 -14.00 -23.76 -7.74
CA ARG A 9 -13.53 -22.50 -7.16
C ARG A 9 -13.10 -21.47 -8.18
N GLU A 10 -12.21 -21.86 -9.11
CA GLU A 10 -11.66 -20.95 -10.11
C GLU A 10 -12.65 -20.36 -11.11
N HIS A 11 -13.83 -20.98 -11.25
CA HIS A 11 -14.91 -20.44 -12.10
C HIS A 11 -15.79 -19.45 -11.32
N LEU A 12 -15.53 -19.26 -10.00
CA LEU A 12 -16.28 -18.33 -9.13
C LEU A 12 -15.49 -17.09 -8.76
N LEU A 13 -14.17 -17.21 -8.60
CA LEU A 13 -13.29 -16.14 -8.13
C LEU A 13 -13.34 -14.83 -8.83
N LYS A 14 -13.09 -14.79 -10.16
CA LYS A 14 -13.15 -13.52 -10.90
C LYS A 14 -14.61 -13.00 -10.88
N PRO A 15 -15.67 -13.81 -11.18
CA PRO A 15 -17.04 -13.28 -11.05
C PRO A 15 -17.33 -12.69 -9.67
N LEU A 16 -16.89 -13.38 -8.55
CA LEU A 16 -17.12 -12.88 -7.19
C LEU A 16 -16.39 -11.59 -6.92
N GLN A 17 -15.15 -11.50 -7.40
CA GLN A 17 -14.36 -10.29 -7.24
C GLN A 17 -14.98 -9.11 -8.01
N GLN A 18 -15.48 -9.34 -9.26
CA GLN A 18 -16.07 -8.28 -10.08
C GLN A 18 -17.38 -7.73 -9.51
N VAL A 19 -18.27 -8.61 -9.04
CA VAL A 19 -19.56 -8.16 -8.50
C VAL A 19 -19.46 -7.46 -7.12
N SER A 20 -18.39 -7.71 -6.37
CA SER A 20 -18.20 -7.06 -5.07
C SER A 20 -17.73 -5.57 -5.24
N GLY A 21 -17.38 -5.19 -6.48
CA GLY A 21 -16.94 -3.85 -6.89
C GLY A 21 -17.84 -2.69 -6.50
N PRO A 22 -19.17 -2.69 -6.89
CA PRO A 22 -20.06 -1.58 -6.46
C PRO A 22 -20.28 -1.53 -4.95
N PRO A 27 -22.42 -0.31 4.07
CA PRO A 27 -23.63 0.31 3.50
C PRO A 27 -24.41 1.12 4.54
N THR A 28 -25.76 1.04 4.47
CA THR A 28 -26.74 1.66 5.37
C THR A 28 -27.94 0.73 5.39
N LEU A 29 -28.20 0.10 4.23
CA LEU A 29 -29.24 -0.91 4.06
C LEU A 29 -28.52 -2.27 4.12
N PRO A 30 -29.02 -3.24 4.94
CA PRO A 30 -28.31 -4.53 5.08
C PRO A 30 -28.16 -5.33 3.79
N ILE A 31 -29.21 -5.32 2.95
CA ILE A 31 -29.27 -6.07 1.70
C ILE A 31 -28.24 -5.65 0.66
N LEU A 32 -27.72 -4.41 0.74
CA LEU A 32 -26.71 -3.87 -0.17
C LEU A 32 -25.32 -4.47 0.08
N GLY A 33 -25.18 -5.11 1.24
CA GLY A 33 -23.95 -5.79 1.65
C GLY A 33 -23.94 -7.21 1.15
N ASN A 34 -25.07 -7.65 0.56
CA ASN A 34 -25.23 -8.97 0.00
C ASN A 34 -25.10 -9.01 -1.52
N LEU A 35 -24.82 -10.20 -2.03
CA LEU A 35 -24.84 -10.47 -3.46
C LEU A 35 -26.11 -11.24 -3.72
N LEU A 36 -26.82 -10.91 -4.80
CA LEU A 36 -27.98 -11.67 -5.20
C LEU A 36 -27.45 -12.84 -6.04
N LEU A 37 -27.85 -14.07 -5.67
CA LEU A 37 -27.47 -15.29 -6.37
C LEU A 37 -28.70 -15.85 -7.04
N GLN A 38 -28.65 -16.15 -8.34
CA GLN A 38 -29.82 -16.73 -9.02
C GLN A 38 -29.41 -17.89 -9.91
N VAL A 39 -30.08 -19.03 -9.76
CA VAL A 39 -29.86 -20.18 -10.65
C VAL A 39 -31.11 -20.25 -11.55
N ALA A 40 -30.88 -20.24 -12.88
CA ALA A 40 -31.91 -20.34 -13.91
C ALA A 40 -31.25 -20.88 -15.17
N ASP A 41 -31.86 -21.91 -15.79
CA ASP A 41 -31.42 -22.53 -17.05
C ASP A 41 -29.93 -22.61 -17.36
N GLY A 42 -29.22 -23.44 -16.61
CA GLY A 42 -27.78 -23.66 -16.81
C GLY A 42 -26.85 -22.52 -16.45
N THR A 43 -27.37 -21.47 -15.79
CA THR A 43 -26.53 -20.32 -15.42
C THR A 43 -26.70 -19.90 -13.98
N LEU A 44 -25.60 -19.51 -13.35
CA LEU A 44 -25.61 -18.89 -12.02
C LEU A 44 -25.35 -17.39 -12.29
N SER A 45 -26.28 -16.53 -11.88
CA SER A 45 -26.10 -15.07 -11.97
C SER A 45 -25.73 -14.55 -10.60
N LEU A 46 -24.76 -13.62 -10.55
CA LEU A 46 -24.33 -12.99 -9.31
C LEU A 46 -24.48 -11.49 -9.51
N THR A 47 -25.12 -10.79 -8.57
CA THR A 47 -25.35 -9.34 -8.68
C THR A 47 -24.97 -8.62 -7.42
N GLY A 48 -24.19 -7.56 -7.59
CA GLY A 48 -23.81 -6.64 -6.53
C GLY A 48 -24.28 -5.25 -6.91
N THR A 49 -24.80 -4.48 -5.93
CA THR A 49 -25.27 -3.10 -6.19
C THR A 49 -25.05 -2.13 -5.02
N ASP A 50 -24.93 -0.82 -5.33
CA ASP A 50 -24.87 0.26 -4.33
C ASP A 50 -26.05 1.22 -4.56
N LEU A 51 -27.06 0.80 -5.38
CA LEU A 51 -28.24 1.56 -5.83
C LEU A 51 -27.95 2.51 -7.00
N GLU A 52 -26.69 3.00 -7.12
CA GLU A 52 -26.28 3.91 -8.20
C GLU A 52 -25.72 3.13 -9.38
N MET A 53 -25.13 1.96 -9.06
CA MET A 53 -24.54 1.08 -10.04
C MET A 53 -24.70 -0.40 -9.65
N GLU A 54 -24.61 -1.28 -10.63
CA GLU A 54 -24.72 -2.70 -10.39
C GLU A 54 -23.82 -3.46 -11.32
N MET A 55 -23.32 -4.60 -10.85
CA MET A 55 -22.47 -5.48 -11.63
C MET A 55 -23.11 -6.86 -11.59
N VAL A 56 -23.32 -7.46 -12.77
CA VAL A 56 -23.94 -8.79 -12.90
C VAL A 56 -22.92 -9.67 -13.57
N ALA A 57 -22.68 -10.87 -13.01
CA ALA A 57 -21.77 -11.86 -13.61
C ALA A 57 -22.58 -13.12 -13.86
N ARG A 58 -22.35 -13.77 -15.00
CA ARG A 58 -23.05 -15.00 -15.38
C ARG A 58 -22.01 -16.11 -15.45
N VAL A 59 -22.28 -17.22 -14.77
CA VAL A 59 -21.38 -18.37 -14.69
C VAL A 59 -22.11 -19.58 -15.22
N ALA A 60 -21.59 -20.21 -16.28
CA ALA A 60 -22.22 -21.42 -16.84
C ALA A 60 -22.09 -22.58 -15.83
N LEU A 61 -23.17 -23.33 -15.64
CA LEU A 61 -23.23 -24.46 -14.70
C LEU A 61 -23.18 -25.81 -15.44
N VAL A 62 -22.02 -26.49 -15.41
CA VAL A 62 -21.82 -27.79 -16.07
C VAL A 62 -22.14 -28.99 -15.14
N GLN A 63 -22.21 -28.74 -13.82
CA GLN A 63 -22.49 -29.75 -12.80
C GLN A 63 -23.98 -29.67 -12.43
N PRO A 64 -24.61 -30.72 -11.83
CA PRO A 64 -26.04 -30.61 -11.48
C PRO A 64 -26.39 -29.40 -10.62
N HIS A 65 -27.59 -28.86 -10.84
CA HIS A 65 -28.08 -27.64 -10.22
C HIS A 65 -29.59 -27.64 -10.16
N GLU A 66 -30.15 -26.78 -9.28
CA GLU A 66 -31.60 -26.60 -9.11
C GLU A 66 -31.88 -25.10 -9.07
N PRO A 67 -32.95 -24.65 -9.75
CA PRO A 67 -33.25 -23.21 -9.77
C PRO A 67 -33.71 -22.58 -8.45
N GLY A 68 -33.50 -21.28 -8.36
CA GLY A 68 -33.87 -20.49 -7.21
C GLY A 68 -32.96 -19.32 -7.02
N ALA A 69 -33.20 -18.57 -5.96
CA ALA A 69 -32.41 -17.38 -5.66
C ALA A 69 -32.35 -17.09 -4.21
N THR A 70 -31.30 -16.37 -3.83
CA THR A 70 -31.07 -15.91 -2.48
C THR A 70 -30.11 -14.74 -2.50
N THR A 71 -29.91 -14.10 -1.34
CA THR A 71 -28.92 -13.05 -1.13
C THR A 71 -28.02 -13.51 0.03
N VAL A 72 -26.72 -13.28 -0.10
CA VAL A 72 -25.75 -13.73 0.89
C VAL A 72 -24.70 -12.65 1.16
N PRO A 73 -24.16 -12.48 2.41
CA PRO A 73 -23.12 -11.45 2.62
C PRO A 73 -21.97 -11.64 1.61
N ALA A 74 -21.73 -10.60 0.78
CA ALA A 74 -20.73 -10.59 -0.28
C ALA A 74 -19.29 -10.93 0.14
N ARG A 75 -18.75 -10.16 1.06
CA ARG A 75 -17.38 -10.29 1.56
C ARG A 75 -17.16 -11.66 2.21
N LYS A 76 -18.11 -12.12 3.06
CA LYS A 76 -18.02 -13.44 3.71
C LYS A 76 -17.99 -14.56 2.70
N PHE A 77 -18.88 -14.54 1.70
CA PHE A 77 -18.94 -15.58 0.66
C PHE A 77 -17.70 -15.59 -0.21
N PHE A 78 -17.26 -14.42 -0.67
CA PHE A 78 -16.04 -14.29 -1.47
C PHE A 78 -14.84 -14.79 -0.64
N ASP A 79 -14.71 -14.36 0.63
CA ASP A 79 -13.60 -14.77 1.48
C ASP A 79 -13.56 -16.26 1.71
N ILE A 80 -14.72 -16.91 1.84
CA ILE A 80 -14.77 -18.37 1.97
C ILE A 80 -14.26 -19.04 0.69
N CYS A 81 -14.77 -18.61 -0.45
CA CYS A 81 -14.38 -19.16 -1.74
C CYS A 81 -12.90 -18.96 -2.00
N ARG A 82 -12.38 -17.74 -1.75
CA ARG A 82 -10.96 -17.41 -1.91
C ARG A 82 -10.07 -18.23 -0.95
N GLY A 83 -10.56 -18.42 0.27
CA GLY A 83 -9.85 -19.14 1.32
C GLY A 83 -9.77 -20.65 1.14
N LEU A 84 -10.61 -21.21 0.28
CA LEU A 84 -10.59 -22.63 0.00
C LEU A 84 -9.37 -23.00 -0.90
N PRO A 85 -8.91 -24.28 -0.93
CA PRO A 85 -7.73 -24.58 -1.75
C PRO A 85 -8.01 -24.54 -3.25
N GLU A 86 -6.95 -24.34 -4.04
CA GLU A 86 -7.04 -24.35 -5.49
C GLU A 86 -7.60 -25.68 -5.97
N GLY A 87 -8.55 -25.62 -6.89
CA GLY A 87 -9.22 -26.81 -7.42
C GLY A 87 -10.39 -27.31 -6.60
N ALA A 88 -10.75 -26.60 -5.49
CA ALA A 88 -11.89 -27.03 -4.67
C ALA A 88 -13.25 -26.93 -5.39
N GLU A 89 -14.12 -27.92 -5.17
CA GLU A 89 -15.47 -27.95 -5.70
C GLU A 89 -16.33 -27.30 -4.63
N ILE A 90 -17.08 -26.24 -4.97
CA ILE A 90 -17.89 -25.53 -3.98
C ILE A 90 -19.37 -25.88 -4.19
N ALA A 91 -19.95 -26.65 -3.23
CA ALA A 91 -21.35 -27.08 -3.23
C ALA A 91 -22.18 -26.12 -2.40
N VAL A 92 -23.24 -25.56 -3.01
CA VAL A 92 -24.09 -24.56 -2.37
C VAL A 92 -25.57 -24.98 -2.43
N GLN A 93 -26.28 -24.85 -1.29
CA GLN A 93 -27.71 -25.11 -1.17
C GLN A 93 -28.30 -24.27 -0.03
N LEU A 94 -29.62 -24.16 0.00
CA LEU A 94 -30.32 -23.42 1.05
C LEU A 94 -30.96 -24.39 2.02
N GLU A 95 -30.96 -24.02 3.30
CA GLU A 95 -31.56 -24.79 4.39
C GLU A 95 -32.19 -23.73 5.29
N GLY A 96 -33.49 -23.53 5.09
CA GLY A 96 -34.26 -22.49 5.79
C GLY A 96 -33.83 -21.12 5.32
N GLU A 97 -33.47 -20.23 6.29
CA GLU A 97 -32.98 -18.88 6.03
C GLU A 97 -31.44 -18.81 6.07
N ARG A 98 -30.78 -19.95 5.78
CA ARG A 98 -29.32 -20.06 5.79
C ARG A 98 -28.82 -20.60 4.48
N MET A 99 -27.64 -20.11 4.03
CA MET A 99 -27.00 -20.66 2.84
C MET A 99 -25.84 -21.56 3.31
N LEU A 100 -25.86 -22.81 2.85
CA LEU A 100 -24.86 -23.81 3.20
C LEU A 100 -23.84 -23.91 2.11
N VAL A 101 -22.56 -23.74 2.47
CA VAL A 101 -21.44 -23.84 1.54
C VAL A 101 -20.59 -25.02 2.04
N ARG A 102 -20.35 -26.00 1.17
CA ARG A 102 -19.60 -27.19 1.53
C ARG A 102 -18.51 -27.45 0.52
N SER A 103 -17.31 -27.76 0.98
CA SER A 103 -16.17 -28.11 0.13
C SER A 103 -15.22 -28.93 0.97
N GLY A 104 -14.90 -30.12 0.51
CA GLY A 104 -14.09 -31.08 1.28
C GLY A 104 -14.75 -31.30 2.62
N ARG A 105 -14.00 -31.06 3.71
CA ARG A 105 -14.55 -31.16 5.07
C ARG A 105 -14.72 -29.77 5.70
N SER A 106 -14.94 -28.75 4.84
CA SER A 106 -15.18 -27.38 5.27
C SER A 106 -16.67 -27.13 5.07
N ARG A 107 -17.37 -26.66 6.13
CA ARG A 107 -18.80 -26.36 6.09
C ARG A 107 -19.05 -24.96 6.61
N PHE A 108 -19.89 -24.20 5.90
CA PHE A 108 -20.21 -22.83 6.30
C PHE A 108 -21.73 -22.64 6.20
N SER A 109 -22.30 -21.95 7.17
CA SER A 109 -23.72 -21.63 7.18
C SER A 109 -23.81 -20.14 7.29
N LEU A 110 -24.29 -19.50 6.21
CA LEU A 110 -24.39 -18.05 6.11
C LEU A 110 -25.83 -17.58 6.17
N SER A 111 -26.04 -16.42 6.77
CA SER A 111 -27.34 -15.77 6.89
C SER A 111 -27.78 -15.31 5.49
N THR A 112 -29.09 -15.33 5.24
CA THR A 112 -29.61 -14.88 3.96
C THR A 112 -30.69 -13.83 4.14
N LEU A 113 -30.96 -13.07 3.08
CA LEU A 113 -32.04 -12.10 2.98
C LEU A 113 -32.77 -12.48 1.70
N PRO A 114 -34.13 -12.44 1.66
CA PRO A 114 -34.86 -12.91 0.46
C PRO A 114 -34.43 -12.23 -0.84
N ALA A 115 -34.34 -13.01 -1.93
CA ALA A 115 -34.01 -12.52 -3.27
C ALA A 115 -35.00 -11.43 -3.73
N ALA A 116 -36.28 -11.58 -3.33
CA ALA A 116 -37.37 -10.64 -3.63
C ALA A 116 -37.16 -9.24 -3.03
N ASP A 117 -36.29 -9.11 -1.99
CA ASP A 117 -35.97 -7.80 -1.39
C ASP A 117 -34.75 -7.16 -2.02
N PHE A 118 -34.07 -7.86 -2.95
CA PHE A 118 -32.87 -7.28 -3.58
C PHE A 118 -33.24 -6.12 -4.51
N PRO A 119 -32.58 -4.94 -4.37
CA PRO A 119 -32.96 -3.80 -5.22
C PRO A 119 -32.68 -4.00 -6.69
N ASN A 120 -33.74 -3.89 -7.49
CA ASN A 120 -33.70 -3.97 -8.93
C ASN A 120 -33.43 -2.56 -9.46
N LEU A 121 -32.56 -2.44 -10.47
CA LEU A 121 -32.27 -1.16 -11.09
C LEU A 121 -33.45 -0.83 -12.01
N ASP A 122 -33.86 0.45 -12.03
CA ASP A 122 -34.99 0.95 -12.82
C ASP A 122 -34.78 0.73 -14.31
N ASP A 123 -35.82 0.19 -14.98
CA ASP A 123 -35.85 -0.09 -16.42
C ASP A 123 -35.58 1.16 -17.21
N TRP A 124 -34.83 1.02 -18.31
CA TRP A 124 -34.46 2.12 -19.19
C TRP A 124 -34.19 1.62 -20.60
N GLN A 125 -34.28 2.53 -21.56
CA GLN A 125 -34.03 2.21 -22.95
C GLN A 125 -32.75 2.90 -23.42
N SER A 126 -31.90 2.14 -24.16
CA SER A 126 -30.68 2.69 -24.73
C SER A 126 -31.04 3.55 -25.94
N GLU A 127 -30.33 4.66 -26.11
CA GLU A 127 -30.52 5.65 -27.18
C GLU A 127 -29.35 5.59 -28.14
N VAL A 128 -28.21 5.05 -27.69
CA VAL A 128 -26.99 4.92 -28.47
C VAL A 128 -26.24 3.68 -28.01
N GLU A 129 -25.81 2.89 -28.98
CA GLU A 129 -25.10 1.64 -28.73
C GLU A 129 -23.96 1.53 -29.66
N PHE A 130 -22.88 0.93 -29.18
CA PHE A 130 -21.69 0.71 -29.98
C PHE A 130 -20.83 -0.34 -29.32
N THR A 131 -19.97 -0.95 -30.10
CA THR A 131 -19.04 -2.00 -29.69
C THR A 131 -17.68 -1.44 -29.95
N LEU A 132 -16.78 -1.77 -29.05
CA LEU A 132 -15.45 -1.25 -28.99
C LEU A 132 -14.51 -2.30 -28.48
N PRO A 133 -13.26 -2.37 -28.94
CA PRO A 133 -12.29 -3.26 -28.26
C PRO A 133 -12.04 -2.71 -26.84
N GLN A 134 -11.69 -3.59 -25.89
CA GLN A 134 -11.43 -3.25 -24.48
C GLN A 134 -10.29 -2.26 -24.35
N ALA A 135 -9.23 -2.46 -25.17
CA ALA A 135 -8.03 -1.64 -25.20
C ALA A 135 -8.36 -0.20 -25.60
N THR A 136 -9.39 -0.01 -26.42
CA THR A 136 -9.80 1.33 -26.84
C THR A 136 -10.46 2.06 -25.67
N MET A 137 -11.32 1.35 -24.93
CA MET A 137 -11.98 1.91 -23.75
C MET A 137 -10.94 2.18 -22.63
N LYS A 138 -9.95 1.30 -22.48
CA LYS A 138 -8.87 1.42 -21.49
C LYS A 138 -8.03 2.68 -21.77
N ARG A 139 -7.63 2.87 -23.05
CA ARG A 139 -6.85 4.02 -23.47
C ARG A 139 -7.61 5.34 -23.24
N LEU A 140 -8.94 5.36 -23.55
CA LEU A 140 -9.78 6.56 -23.40
C LEU A 140 -9.88 6.99 -21.95
N ILE A 141 -10.04 6.00 -21.05
CA ILE A 141 -10.14 6.25 -19.61
C ILE A 141 -8.81 6.66 -19.03
N GLU A 142 -7.77 5.83 -19.24
CA GLU A 142 -6.43 6.11 -18.71
C GLU A 142 -5.86 7.45 -19.18
N ALA A 143 -6.12 7.84 -20.45
CA ALA A 143 -5.56 9.09 -20.97
C ALA A 143 -6.14 10.32 -20.28
N THR A 144 -7.35 10.20 -19.66
CA THR A 144 -8.03 11.36 -19.10
C THR A 144 -8.39 11.31 -17.63
N GLN A 145 -8.54 10.10 -17.04
CA GLN A 145 -9.01 9.93 -15.65
C GLN A 145 -8.37 10.83 -14.58
N PHE A 146 -7.05 11.00 -14.60
CA PHE A 146 -6.36 11.84 -13.59
C PHE A 146 -6.85 13.29 -13.58
N SER A 147 -7.43 13.77 -14.73
CA SER A 147 -7.92 15.15 -14.82
C SER A 147 -9.30 15.40 -14.23
N MET A 148 -10.05 14.34 -13.82
CA MET A 148 -11.36 14.53 -13.21
C MET A 148 -11.17 15.27 -11.87
N ALA A 149 -12.20 16.00 -11.45
CA ALA A 149 -12.15 16.75 -10.20
C ALA A 149 -12.25 15.80 -9.04
N HIS A 150 -11.78 16.25 -7.86
CA HIS A 150 -11.84 15.44 -6.64
C HIS A 150 -12.80 16.10 -5.69
N GLN A 151 -14.03 15.57 -5.66
CA GLN A 151 -15.14 16.00 -4.80
C GLN A 151 -15.40 17.51 -4.86
N ASP A 152 -15.37 18.07 -6.08
CA ASP A 152 -15.61 19.50 -6.33
C ASP A 152 -17.11 19.73 -6.18
N VAL A 153 -17.45 20.93 -5.72
CA VAL A 153 -18.84 21.35 -5.54
C VAL A 153 -19.60 21.48 -6.89
N ARG A 154 -18.84 21.61 -8.00
CA ARG A 154 -19.38 21.58 -9.36
C ARG A 154 -19.32 20.08 -9.63
N TYR A 155 -20.37 19.39 -9.15
CA TYR A 155 -20.52 17.94 -9.15
C TYR A 155 -20.32 17.30 -10.53
N TYR A 156 -20.73 18.01 -11.60
CA TYR A 156 -20.58 17.53 -12.98
C TYR A 156 -19.08 17.37 -13.38
N LEU A 157 -18.14 17.97 -12.62
CA LEU A 157 -16.70 17.82 -12.88
C LEU A 157 -16.06 16.58 -12.28
N ASN A 158 -16.75 15.95 -11.30
CA ASN A 158 -16.28 14.77 -10.56
C ASN A 158 -16.39 13.48 -11.35
N GLY A 159 -16.96 13.57 -12.56
CA GLY A 159 -17.13 12.47 -13.48
C GLY A 159 -16.37 12.67 -14.77
N MET A 160 -16.65 11.82 -15.74
CA MET A 160 -15.96 11.89 -17.03
C MET A 160 -17.00 11.98 -18.15
N LEU A 161 -16.76 12.89 -19.12
CA LEU A 161 -17.65 13.05 -20.24
C LEU A 161 -17.37 11.96 -21.25
N PHE A 162 -18.44 11.32 -21.75
CA PHE A 162 -18.38 10.36 -22.85
C PHE A 162 -19.19 10.98 -23.95
N GLU A 163 -18.54 11.27 -25.06
CA GLU A 163 -19.17 11.96 -26.16
C GLU A 163 -18.99 11.23 -27.47
N THR A 164 -20.09 11.01 -28.17
CA THR A 164 -20.09 10.38 -29.48
C THR A 164 -20.41 11.45 -30.52
N GLU A 165 -19.75 11.38 -31.68
CA GLU A 165 -19.96 12.31 -32.79
C GLU A 165 -19.32 11.66 -33.99
N GLY A 166 -20.11 11.49 -35.04
CA GLY A 166 -19.66 10.81 -36.25
C GLY A 166 -19.29 9.38 -35.94
N GLU A 167 -18.08 8.97 -36.28
CA GLU A 167 -17.53 7.62 -36.05
C GLU A 167 -16.57 7.64 -34.83
N GLU A 168 -16.62 8.72 -34.02
CA GLU A 168 -15.70 8.89 -32.90
C GLU A 168 -16.32 8.86 -31.50
N LEU A 169 -15.53 8.33 -30.54
CA LEU A 169 -15.89 8.33 -29.13
C LEU A 169 -14.82 9.18 -28.42
N ARG A 170 -15.25 10.13 -27.61
CA ARG A 170 -14.27 10.90 -26.89
C ARG A 170 -14.55 10.97 -25.40
N THR A 171 -13.47 11.02 -24.62
CA THR A 171 -13.54 11.19 -23.17
C THR A 171 -12.95 12.53 -22.85
N VAL A 172 -13.59 13.24 -21.91
CA VAL A 172 -13.13 14.54 -21.46
C VAL A 172 -13.24 14.54 -19.95
N ALA A 173 -12.25 15.07 -19.28
CA ALA A 173 -12.23 15.17 -17.84
C ALA A 173 -11.59 16.52 -17.49
N THR A 174 -12.10 17.20 -16.45
CA THR A 174 -11.55 18.48 -16.00
C THR A 174 -11.93 18.76 -14.56
N ASP A 175 -11.11 19.59 -13.89
CA ASP A 175 -11.33 20.04 -12.52
C ASP A 175 -11.52 21.59 -12.52
N GLY A 176 -11.57 22.16 -13.72
CA GLY A 176 -11.76 23.59 -13.96
C GLY A 176 -10.47 24.38 -14.00
N HIS A 177 -9.35 23.69 -13.71
CA HIS A 177 -8.00 24.27 -13.76
C HIS A 177 -7.20 23.54 -14.83
N ARG A 178 -7.39 22.20 -14.97
CA ARG A 178 -6.73 21.41 -15.99
C ARG A 178 -7.71 20.50 -16.68
N LEU A 179 -7.42 20.13 -17.93
CA LEU A 179 -8.31 19.32 -18.73
C LEU A 179 -7.56 18.27 -19.52
N ALA A 180 -8.24 17.15 -19.78
CA ALA A 180 -7.70 16.09 -20.63
C ALA A 180 -8.79 15.70 -21.66
N VAL A 181 -8.40 15.42 -22.89
CA VAL A 181 -9.37 15.01 -23.91
C VAL A 181 -8.70 13.92 -24.75
N CYS A 182 -9.45 12.84 -25.01
CA CYS A 182 -8.96 11.74 -25.82
C CYS A 182 -10.07 11.39 -26.79
N SER A 183 -9.74 11.27 -28.08
CA SER A 183 -10.73 10.91 -29.11
C SER A 183 -10.25 9.63 -29.78
N MET A 184 -11.14 8.66 -29.99
CA MET A 184 -10.78 7.40 -30.65
C MET A 184 -11.81 7.06 -31.72
N PRO A 185 -11.32 6.67 -32.91
CA PRO A 185 -12.23 6.22 -33.98
C PRO A 185 -12.85 4.88 -33.62
N ILE A 186 -14.17 4.73 -33.81
CA ILE A 186 -14.87 3.47 -33.45
C ILE A 186 -15.44 2.67 -34.64
N GLY A 187 -15.40 3.24 -35.84
CA GLY A 187 -15.82 2.57 -37.08
C GLY A 187 -17.30 2.31 -37.24
N GLN A 188 -18.13 3.08 -36.52
CA GLN A 188 -19.60 2.96 -36.55
C GLN A 188 -20.12 4.37 -36.45
N SER A 189 -21.07 4.75 -37.33
CA SER A 189 -21.65 6.08 -37.36
C SER A 189 -22.59 6.21 -36.18
N LEU A 190 -22.36 7.20 -35.33
CA LEU A 190 -23.14 7.35 -34.12
C LEU A 190 -23.92 8.63 -34.07
N PRO A 191 -25.08 8.67 -33.38
CA PRO A 191 -25.74 9.98 -33.18
C PRO A 191 -24.87 10.83 -32.23
N SER A 192 -24.97 12.15 -32.33
CA SER A 192 -24.23 13.04 -31.44
C SER A 192 -24.89 12.97 -30.06
N HIS A 193 -24.12 12.53 -29.06
CA HIS A 193 -24.62 12.35 -27.70
C HIS A 193 -23.51 12.62 -26.69
N SER A 194 -23.86 13.18 -25.53
CA SER A 194 -22.88 13.52 -24.49
C SER A 194 -23.47 13.15 -23.14
N VAL A 195 -22.73 12.37 -22.33
CA VAL A 195 -23.14 11.93 -20.99
C VAL A 195 -21.99 12.00 -20.03
N ILE A 196 -22.31 12.17 -18.72
CA ILE A 196 -21.29 12.22 -17.69
C ILE A 196 -21.36 10.92 -16.86
N VAL A 197 -20.27 10.14 -16.88
CA VAL A 197 -20.17 8.91 -16.10
C VAL A 197 -19.56 9.29 -14.73
N PRO A 198 -20.22 8.94 -13.59
CA PRO A 198 -19.63 9.31 -12.28
C PRO A 198 -18.27 8.69 -12.05
N ARG A 199 -17.46 9.33 -11.19
CA ARG A 199 -16.13 8.86 -10.78
C ARG A 199 -16.11 7.34 -10.48
N LYS A 200 -17.04 6.86 -9.63
CA LYS A 200 -17.11 5.44 -9.24
C LYS A 200 -17.43 4.51 -10.42
N GLY A 201 -18.23 5.01 -11.37
CA GLY A 201 -18.59 4.29 -12.59
C GLY A 201 -17.39 4.10 -13.50
N VAL A 202 -16.60 5.18 -13.67
CA VAL A 202 -15.36 5.17 -14.45
C VAL A 202 -14.37 4.15 -13.85
N ILE A 203 -14.20 4.16 -12.51
CA ILE A 203 -13.32 3.20 -11.82
C ILE A 203 -13.80 1.77 -12.07
N GLU A 204 -15.10 1.51 -11.89
CA GLU A 204 -15.68 0.17 -12.09
C GLU A 204 -15.54 -0.28 -13.56
N LEU A 205 -15.82 0.62 -14.50
CA LEU A 205 -15.69 0.37 -15.95
C LEU A 205 -14.23 -0.01 -16.33
N MET A 206 -13.25 0.70 -15.75
CA MET A 206 -11.83 0.43 -15.95
C MET A 206 -11.43 -0.93 -15.31
N ARG A 207 -11.92 -1.19 -14.09
CA ARG A 207 -11.65 -2.43 -13.35
C ARG A 207 -12.23 -3.68 -14.06
N MET A 208 -13.28 -3.49 -14.88
CA MET A 208 -13.92 -4.59 -15.57
C MET A 208 -13.20 -5.03 -16.83
N LEU A 209 -12.23 -4.24 -17.32
CA LEU A 209 -11.52 -4.58 -18.55
C LEU A 209 -10.34 -5.52 -18.23
N ASP A 210 -10.57 -6.84 -18.35
CA ASP A 210 -9.59 -7.91 -18.06
C ASP A 210 -8.31 -7.87 -18.90
N GLY A 211 -8.34 -7.12 -19.99
CA GLY A 211 -7.19 -6.97 -20.89
C GLY A 211 -7.11 -8.07 -21.93
N GLY A 212 -8.22 -8.80 -22.10
CA GLY A 212 -8.36 -9.87 -23.08
C GLY A 212 -8.84 -9.38 -24.42
N ASP A 213 -9.34 -10.32 -25.26
CA ASP A 213 -9.81 -10.06 -26.62
C ASP A 213 -11.33 -9.92 -26.79
N ASN A 214 -12.11 -10.06 -25.69
CA ASN A 214 -13.57 -9.92 -25.79
C ASN A 214 -13.93 -8.44 -26.03
N PRO A 215 -14.80 -8.12 -26.99
CA PRO A 215 -15.16 -6.71 -27.20
C PRO A 215 -16.11 -6.19 -26.12
N LEU A 216 -16.14 -4.87 -25.96
CA LEU A 216 -17.02 -4.23 -25.00
C LEU A 216 -18.24 -3.71 -25.73
N ARG A 217 -19.44 -4.03 -25.25
CA ARG A 217 -20.66 -3.50 -25.85
C ARG A 217 -21.19 -2.42 -24.94
N VAL A 218 -21.33 -1.18 -25.48
CA VAL A 218 -21.80 -0.05 -24.71
C VAL A 218 -23.20 0.37 -25.13
N GLN A 219 -24.06 0.58 -24.15
CA GLN A 219 -25.42 1.07 -24.38
C GLN A 219 -25.57 2.29 -23.49
N ILE A 220 -26.01 3.42 -24.06
CA ILE A 220 -26.19 4.67 -23.32
C ILE A 220 -27.62 5.14 -23.45
N GLY A 221 -28.28 5.29 -22.31
CA GLY A 221 -29.63 5.80 -22.24
C GLY A 221 -29.59 7.26 -21.85
N SER A 222 -30.73 7.79 -21.42
CA SER A 222 -30.83 9.20 -21.02
C SER A 222 -30.21 9.46 -19.65
N ASN A 223 -30.36 8.52 -18.67
CA ASN A 223 -29.82 8.67 -17.31
C ASN A 223 -29.02 7.43 -16.85
N ASN A 224 -28.66 6.55 -17.78
CA ASN A 224 -27.93 5.32 -17.43
C ASN A 224 -26.98 4.93 -18.51
N ILE A 225 -25.95 4.17 -18.11
CA ILE A 225 -24.93 3.61 -19.00
C ILE A 225 -24.76 2.12 -18.67
N ARG A 226 -24.62 1.29 -19.71
CA ARG A 226 -24.41 -0.15 -19.54
C ARG A 226 -23.24 -0.62 -20.36
N ALA A 227 -22.34 -1.41 -19.76
CA ALA A 227 -21.19 -1.97 -20.46
C ALA A 227 -21.21 -3.51 -20.33
N HIS A 228 -21.18 -4.23 -21.45
CA HIS A 228 -21.15 -5.71 -21.43
C HIS A 228 -19.77 -6.16 -21.91
N VAL A 229 -19.06 -6.97 -21.11
CA VAL A 229 -17.76 -7.49 -21.46
C VAL A 229 -17.73 -8.95 -21.04
N GLY A 230 -17.72 -9.83 -22.02
CA GLY A 230 -17.71 -11.27 -21.76
C GLY A 230 -18.95 -11.65 -20.98
N ASP A 231 -18.76 -12.18 -19.78
CA ASP A 231 -19.85 -12.59 -18.93
C ASP A 231 -20.20 -11.59 -17.82
N PHE A 232 -19.82 -10.32 -18.00
CA PHE A 232 -20.07 -9.26 -17.04
C PHE A 232 -20.90 -8.16 -17.61
N ILE A 233 -21.88 -7.68 -16.85
CA ILE A 233 -22.71 -6.56 -17.28
C ILE A 233 -22.62 -5.52 -16.19
N PHE A 234 -22.11 -4.32 -16.52
CA PHE A 234 -22.00 -3.25 -15.56
C PHE A 234 -22.98 -2.16 -15.94
N THR A 235 -23.80 -1.71 -14.98
CA THR A 235 -24.76 -0.64 -15.23
C THR A 235 -24.52 0.47 -14.22
N SER A 236 -24.56 1.74 -14.67
CA SER A 236 -24.38 2.87 -13.80
C SER A 236 -25.33 4.00 -14.16
N LYS A 237 -25.81 4.71 -13.14
CA LYS A 237 -26.59 5.92 -13.34
C LYS A 237 -25.60 6.96 -13.89
N LEU A 238 -26.10 7.94 -14.67
CA LEU A 238 -25.26 9.00 -15.21
C LEU A 238 -25.35 10.22 -14.31
N VAL A 239 -24.35 11.14 -14.40
CA VAL A 239 -24.39 12.35 -13.59
C VAL A 239 -25.39 13.29 -14.25
N ASP A 240 -26.43 13.69 -13.49
CA ASP A 240 -27.47 14.61 -13.96
C ASP A 240 -26.99 16.05 -13.85
N GLY A 241 -26.22 16.45 -14.85
CA GLY A 241 -25.65 17.78 -14.94
C GLY A 241 -25.20 18.04 -16.35
N ARG A 242 -24.69 19.24 -16.61
CA ARG A 242 -24.21 19.64 -17.91
C ARG A 242 -22.71 19.91 -17.82
N PHE A 243 -21.96 19.24 -18.68
CA PHE A 243 -20.51 19.39 -18.71
C PHE A 243 -20.13 20.70 -19.38
N PRO A 244 -19.04 21.40 -18.98
CA PRO A 244 -18.69 22.63 -19.71
C PRO A 244 -18.22 22.33 -21.13
N ASP A 245 -18.33 23.39 -21.93
CA ASP A 245 -18.00 23.50 -23.33
C ASP A 245 -16.49 23.60 -23.46
N TYR A 246 -15.87 22.43 -23.44
CA TYR A 246 -14.42 22.26 -23.49
C TYR A 246 -13.83 22.68 -24.82
N ARG A 247 -14.65 22.69 -25.89
CA ARG A 247 -14.20 23.12 -27.21
C ARG A 247 -13.73 24.57 -27.11
N ARG A 248 -14.44 25.40 -26.33
CA ARG A 248 -14.09 26.80 -26.07
C ARG A 248 -12.69 26.99 -25.49
N VAL A 249 -12.21 26.04 -24.66
CA VAL A 249 -10.97 26.23 -23.92
C VAL A 249 -9.64 25.72 -24.53
N LEU A 250 -9.69 25.00 -25.66
CA LEU A 250 -8.48 24.57 -26.36
C LEU A 250 -7.81 25.80 -27.01
N PRO A 251 -6.47 26.04 -26.86
CA PRO A 251 -5.86 27.20 -27.56
C PRO A 251 -6.15 27.09 -29.07
N LYS A 252 -6.84 28.09 -29.67
CA LYS A 252 -7.24 28.03 -31.08
C LYS A 252 -6.04 28.21 -31.98
N ASN A 253 -5.30 29.30 -31.75
CA ASN A 253 -4.15 29.66 -32.53
C ASN A 253 -3.00 30.11 -31.63
N PRO A 254 -2.23 29.14 -31.04
CA PRO A 254 -1.07 29.52 -30.22
C PRO A 254 0.12 29.95 -31.08
N ASP A 255 0.80 31.04 -30.67
CA ASP A 255 1.94 31.61 -31.39
C ASP A 255 3.28 31.07 -30.93
N LYS A 256 3.30 30.32 -29.81
CA LYS A 256 4.55 29.76 -29.26
C LYS A 256 4.47 28.24 -29.14
N HIS A 257 5.56 27.58 -29.55
CA HIS A 257 5.67 26.12 -29.55
CA HIS A 257 5.67 26.14 -29.44
C HIS A 257 7.02 25.70 -28.95
N LEU A 258 6.99 24.80 -27.96
CA LEU A 258 8.19 24.28 -27.33
C LEU A 258 8.17 22.76 -27.45
N GLU A 259 9.31 22.16 -27.75
CA GLU A 259 9.45 20.70 -27.82
C GLU A 259 10.60 20.29 -26.94
N ALA A 260 10.38 19.26 -26.15
CA ALA A 260 11.42 18.76 -25.28
C ALA A 260 11.29 17.27 -25.05
N GLY A 261 12.41 16.66 -24.66
CA GLY A 261 12.43 15.25 -24.28
C GLY A 261 11.58 15.09 -23.04
N CYS A 262 10.62 14.18 -23.10
CA CYS A 262 9.74 13.94 -22.00
C CYS A 262 10.42 13.55 -20.67
N ASP A 263 11.39 12.61 -20.70
CA ASP A 263 12.08 12.13 -19.52
C ASP A 263 12.84 13.24 -18.80
N LEU A 264 13.65 14.02 -19.54
CA LEU A 264 14.44 15.10 -18.97
C LEU A 264 13.55 16.20 -18.40
N LEU A 265 12.44 16.51 -19.10
CA LEU A 265 11.50 17.53 -18.64
C LEU A 265 10.79 17.07 -17.35
N LYS A 266 10.30 15.81 -17.31
CA LYS A 266 9.62 15.24 -16.15
C LYS A 266 10.54 15.22 -14.90
N GLN A 267 11.82 14.82 -15.07
CA GLN A 267 12.78 14.73 -13.99
C GLN A 267 13.15 16.10 -13.41
N ALA A 268 13.26 17.10 -14.27
CA ALA A 268 13.55 18.48 -13.88
C ALA A 268 12.35 19.10 -13.12
N PHE A 269 11.10 18.83 -13.58
CA PHE A 269 9.92 19.33 -12.87
C PHE A 269 9.73 18.61 -11.52
N ALA A 270 10.10 17.31 -11.46
CA ALA A 270 10.04 16.48 -10.26
C ALA A 270 10.99 17.00 -9.18
N ARG A 271 12.24 17.36 -9.57
CA ARG A 271 13.24 17.92 -8.64
C ARG A 271 12.86 19.33 -8.22
N ALA A 272 12.37 20.17 -9.16
CA ALA A 272 11.94 21.55 -8.83
C ALA A 272 10.83 21.53 -7.81
N ALA A 273 9.87 20.60 -8.00
CA ALA A 273 8.68 20.39 -7.14
C ALA A 273 8.98 20.31 -5.66
N ILE A 274 10.12 19.71 -5.29
CA ILE A 274 10.54 19.47 -3.91
C ILE A 274 10.53 20.81 -3.12
N LEU A 275 10.96 21.88 -3.76
CA LEU A 275 11.05 23.21 -3.16
C LEU A 275 9.93 24.17 -3.55
N SER A 276 8.81 23.61 -4.08
CA SER A 276 7.64 24.44 -4.40
C SER A 276 6.80 24.49 -3.13
N ASN A 277 5.88 25.45 -3.04
CA ASN A 277 4.98 25.58 -1.89
C ASN A 277 4.19 24.25 -1.77
N GLU A 278 4.14 23.66 -0.55
CA GLU A 278 3.49 22.35 -0.33
C GLU A 278 2.00 22.32 -0.64
N LYS A 279 1.30 23.44 -0.48
CA LYS A 279 -0.12 23.48 -0.78
C LYS A 279 -0.39 23.97 -2.21
N PHE A 280 0.33 25.02 -2.63
CA PHE A 280 0.10 25.68 -3.91
C PHE A 280 0.85 25.16 -5.11
N ARG A 281 2.01 24.52 -4.88
CA ARG A 281 2.81 23.81 -5.87
C ARG A 281 3.29 24.62 -7.09
N GLY A 282 3.28 25.95 -6.97
CA GLY A 282 3.70 26.86 -8.03
C GLY A 282 5.16 26.75 -8.38
N VAL A 283 5.42 26.64 -9.70
CA VAL A 283 6.75 26.64 -10.30
C VAL A 283 6.72 27.67 -11.43
N ARG A 284 7.87 28.26 -11.76
CA ARG A 284 8.00 29.30 -12.79
C ARG A 284 8.79 28.71 -13.91
N LEU A 285 8.33 28.94 -15.15
CA LEU A 285 9.00 28.50 -16.36
C LEU A 285 9.48 29.75 -17.08
N TYR A 286 10.74 29.80 -17.44
CA TYR A 286 11.22 30.90 -18.23
C TYR A 286 11.66 30.31 -19.56
N VAL A 287 10.95 30.66 -20.64
CA VAL A 287 11.23 30.18 -22.00
C VAL A 287 12.03 31.21 -22.77
N SER A 288 13.13 30.76 -23.36
CA SER A 288 14.02 31.58 -24.16
C SER A 288 14.55 30.66 -25.27
N GLU A 289 15.34 31.19 -26.23
CA GLU A 289 15.84 30.42 -27.37
C GLU A 289 16.49 29.08 -27.02
N ASN A 290 15.82 27.98 -27.42
CA ASN A 290 16.27 26.60 -27.16
C ASN A 290 16.61 26.34 -25.68
N GLN A 291 15.93 27.05 -24.78
CA GLN A 291 16.18 26.88 -23.34
C GLN A 291 14.95 27.01 -22.51
N LEU A 292 14.87 26.12 -21.50
CA LEU A 292 13.82 26.21 -20.50
C LEU A 292 14.48 26.26 -19.13
N LYS A 293 14.12 27.26 -18.34
CA LYS A 293 14.62 27.35 -16.96
C LYS A 293 13.40 27.17 -16.06
N ILE A 294 13.48 26.22 -15.09
CA ILE A 294 12.34 25.97 -14.18
C ILE A 294 12.78 26.41 -12.80
N THR A 295 11.99 27.27 -12.14
CA THR A 295 12.34 27.68 -10.78
C THR A 295 11.20 27.39 -9.81
N ALA A 296 11.54 27.11 -8.56
CA ALA A 296 10.52 26.93 -7.52
C ALA A 296 11.04 27.56 -6.27
N ASN A 297 10.14 28.14 -5.48
CA ASN A 297 10.45 28.64 -4.14
C ASN A 297 9.28 28.42 -3.20
N ASN A 298 9.56 28.35 -1.90
CA ASN A 298 8.52 28.07 -0.92
C ASN A 298 8.53 29.20 0.17
N PRO A 299 7.63 29.18 1.18
CA PRO A 299 7.64 30.23 2.20
C PRO A 299 8.92 30.29 3.04
N GLU A 300 9.68 29.18 3.07
CA GLU A 300 10.95 29.11 3.78
C GLU A 300 12.07 29.76 2.97
N GLN A 301 11.75 30.36 1.80
CA GLN A 301 12.71 31.03 0.91
C GLN A 301 13.78 30.07 0.36
N GLU A 302 13.45 28.76 0.30
CA GLU A 302 14.29 27.75 -0.34
C GLU A 302 14.03 27.87 -1.83
N GLU A 303 15.02 27.56 -2.66
CA GLU A 303 14.89 27.73 -4.10
C GLU A 303 15.48 26.58 -4.87
N ALA A 304 14.79 26.14 -5.95
CA ALA A 304 15.28 25.13 -6.90
C ALA A 304 15.37 25.78 -8.28
N GLU A 305 16.40 25.47 -9.04
CA GLU A 305 16.52 25.96 -10.40
C GLU A 305 16.97 24.81 -11.31
N GLU A 306 16.26 24.61 -12.45
CA GLU A 306 16.59 23.58 -13.42
C GLU A 306 16.73 24.25 -14.77
N ILE A 307 17.83 24.03 -15.48
CA ILE A 307 18.01 24.60 -16.81
C ILE A 307 18.08 23.42 -17.77
N LEU A 308 17.26 23.46 -18.84
CA LEU A 308 17.16 22.40 -19.86
C LEU A 308 17.29 22.94 -21.28
N ASP A 309 17.85 22.13 -22.19
CA ASP A 309 17.92 22.39 -23.62
C ASP A 309 16.62 21.87 -24.21
N VAL A 310 15.86 22.72 -24.90
CA VAL A 310 14.57 22.41 -25.51
C VAL A 310 14.59 22.93 -26.96
N THR A 311 13.54 22.68 -27.74
CA THR A 311 13.45 23.29 -29.06
C THR A 311 12.47 24.47 -28.89
N TYR A 312 12.94 25.70 -29.05
CA TYR A 312 12.08 26.87 -28.89
C TYR A 312 12.67 28.06 -29.62
N SER A 313 11.89 28.69 -30.50
CA SER A 313 12.37 29.88 -31.23
C SER A 313 11.60 31.21 -30.98
N GLY A 314 10.40 31.13 -30.40
CA GLY A 314 9.56 32.28 -30.09
C GLY A 314 10.13 33.36 -29.16
N ALA A 315 9.26 34.31 -28.76
CA ALA A 315 9.62 35.41 -27.86
C ALA A 315 9.84 34.89 -26.43
N GLU A 316 10.71 35.54 -25.66
CA GLU A 316 10.96 35.16 -24.28
C GLU A 316 9.70 35.37 -23.45
N MET A 317 9.46 34.48 -22.47
CA MET A 317 8.25 34.54 -21.68
C MET A 317 8.42 33.83 -20.33
N GLU A 318 7.73 34.29 -19.30
CA GLU A 318 7.71 33.68 -17.98
C GLU A 318 6.27 33.24 -17.76
N ILE A 319 6.06 32.04 -17.22
CA ILE A 319 4.72 31.48 -16.96
C ILE A 319 4.74 30.60 -15.73
N GLY A 320 3.72 30.73 -14.90
CA GLY A 320 3.62 29.96 -13.66
C GLY A 320 2.63 28.82 -13.77
N PHE A 321 3.00 27.65 -13.24
CA PHE A 321 2.16 26.46 -13.25
C PHE A 321 2.16 25.69 -11.95
N ASN A 322 1.04 25.02 -11.67
CA ASN A 322 0.97 24.09 -10.57
C ASN A 322 1.75 22.89 -11.11
N VAL A 323 2.90 22.61 -10.47
CA VAL A 323 3.80 21.54 -10.88
C VAL A 323 3.17 20.13 -10.87
N SER A 324 2.23 19.86 -9.96
CA SER A 324 1.54 18.56 -9.89
C SER A 324 0.73 18.33 -11.17
N TYR A 325 0.09 19.38 -11.70
CA TYR A 325 -0.67 19.32 -12.95
C TYR A 325 0.24 19.05 -14.12
N VAL A 326 1.45 19.65 -14.16
CA VAL A 326 2.39 19.42 -15.28
C VAL A 326 2.89 17.97 -15.23
N LEU A 327 3.32 17.53 -14.03
CA LEU A 327 3.81 16.17 -13.80
C LEU A 327 2.73 15.11 -14.12
N ASP A 328 1.46 15.38 -13.80
CA ASP A 328 0.32 14.48 -14.14
C ASP A 328 0.22 14.23 -15.67
N VAL A 329 0.41 15.31 -16.46
CA VAL A 329 0.38 15.24 -17.92
C VAL A 329 1.59 14.46 -18.44
N LEU A 330 2.80 14.80 -17.96
CA LEU A 330 4.03 14.11 -18.39
C LEU A 330 4.00 12.64 -18.05
N ASN A 331 3.35 12.26 -16.92
CA ASN A 331 3.23 10.84 -16.55
C ASN A 331 2.16 10.12 -17.39
N ALA A 332 1.14 10.84 -17.89
CA ALA A 332 0.07 10.27 -18.71
C ALA A 332 0.59 10.02 -20.13
N LEU A 333 1.54 10.85 -20.59
CA LEU A 333 2.16 10.71 -21.91
C LEU A 333 3.29 9.69 -21.80
N LYS A 334 3.42 8.81 -22.79
CA LYS A 334 4.42 7.75 -22.74
C LYS A 334 5.17 7.80 -24.05
N CYS A 335 5.74 8.97 -24.34
CA CYS A 335 6.44 9.27 -25.58
C CYS A 335 7.81 9.83 -25.34
N GLU A 336 8.64 9.83 -26.40
CA GLU A 336 9.99 10.36 -26.31
C GLU A 336 9.99 11.88 -26.14
N ASN A 337 9.19 12.58 -26.97
CA ASN A 337 9.14 14.04 -26.93
C ASN A 337 7.77 14.62 -26.75
N VAL A 338 7.70 15.72 -26.00
CA VAL A 338 6.44 16.39 -25.76
C VAL A 338 6.45 17.73 -26.45
N ARG A 339 5.29 18.23 -26.80
CA ARG A 339 5.17 19.56 -27.40
C ARG A 339 4.27 20.37 -26.49
N MET A 340 4.68 21.61 -26.22
CA MET A 340 3.90 22.54 -25.42
C MET A 340 3.51 23.74 -26.31
N MET A 341 2.21 24.07 -26.38
CA MET A 341 1.67 25.18 -27.18
C MET A 341 1.22 26.28 -26.25
N LEU A 342 1.76 27.50 -26.45
CA LEU A 342 1.48 28.62 -25.52
C LEU A 342 1.08 29.92 -26.25
N THR A 343 0.45 30.85 -25.53
CA THR A 343 0.17 32.19 -26.05
C THR A 343 0.88 33.17 -25.12
N ASP A 344 0.34 33.36 -23.92
CA ASP A 344 0.91 34.29 -22.95
C ASP A 344 0.87 33.70 -21.55
N SER A 345 1.37 34.45 -20.56
CA SER A 345 1.45 34.03 -19.17
C SER A 345 0.12 33.90 -18.42
N VAL A 346 -0.97 34.44 -18.98
CA VAL A 346 -2.27 34.36 -18.31
C VAL A 346 -3.28 33.46 -19.05
N SER A 347 -2.79 32.71 -20.03
CA SER A 347 -3.64 31.85 -20.85
C SER A 347 -3.20 30.40 -20.77
N SER A 348 -4.15 29.48 -21.03
CA SER A 348 -3.92 28.03 -21.03
C SER A 348 -2.81 27.62 -21.96
N VAL A 349 -2.21 26.48 -21.62
CA VAL A 349 -1.18 25.86 -22.42
C VAL A 349 -1.68 24.47 -22.79
N GLN A 350 -1.38 24.05 -24.02
CA GLN A 350 -1.74 22.72 -24.48
C GLN A 350 -0.48 21.90 -24.53
N ILE A 351 -0.55 20.67 -23.99
CA ILE A 351 0.58 19.77 -23.95
C ILE A 351 0.12 18.45 -24.63
N GLU A 352 1.01 17.88 -25.42
CA GLU A 352 0.67 16.66 -26.13
C GLU A 352 1.97 16.00 -26.56
N ASP A 353 1.86 14.75 -26.99
CA ASP A 353 2.97 13.98 -27.54
C ASP A 353 3.31 14.73 -28.82
N ALA A 354 4.61 14.96 -29.06
CA ALA A 354 5.07 15.66 -30.26
C ALA A 354 4.70 14.91 -31.57
N ALA A 355 4.39 13.59 -31.48
CA ALA A 355 4.02 12.75 -32.64
C ALA A 355 2.59 12.14 -32.60
N SER A 356 1.67 12.70 -31.79
CA SER A 356 0.29 12.22 -31.67
C SER A 356 -0.66 13.29 -31.10
N GLN A 357 -1.73 13.59 -31.86
CA GLN A 357 -2.76 14.55 -31.46
C GLN A 357 -4.01 13.84 -30.91
N SER A 358 -3.90 12.50 -30.61
CA SER A 358 -4.99 11.67 -30.08
C SER A 358 -5.42 12.17 -28.72
N ALA A 359 -4.44 12.54 -27.89
CA ALA A 359 -4.70 13.05 -26.56
C ALA A 359 -4.15 14.51 -26.43
N ALA A 360 -5.00 15.39 -25.91
CA ALA A 360 -4.57 16.76 -25.69
C ALA A 360 -4.78 17.09 -24.21
N TYR A 361 -3.80 17.83 -23.63
CA TYR A 361 -3.92 18.25 -22.25
C TYR A 361 -3.83 19.74 -22.16
N VAL A 362 -4.74 20.35 -21.43
CA VAL A 362 -4.83 21.80 -21.29
C VAL A 362 -4.71 22.17 -19.82
N VAL A 363 -3.67 22.97 -19.49
CA VAL A 363 -3.41 23.38 -18.11
C VAL A 363 -3.50 24.90 -18.02
N MET A 364 -4.31 25.40 -17.12
CA MET A 364 -4.43 26.85 -16.92
C MET A 364 -3.26 27.26 -16.00
N PRO A 365 -2.52 28.36 -16.31
CA PRO A 365 -1.41 28.77 -15.44
C PRO A 365 -1.86 29.35 -14.07
N MET A 366 -0.87 29.73 -13.24
CA MET A 366 -1.06 30.35 -11.93
C MET A 366 -0.47 31.75 -12.01
N ARG A 367 -1.01 32.73 -11.24
CA ARG A 367 -0.42 34.08 -11.28
C ARG A 367 0.93 34.06 -10.53
N LEU A 368 1.99 34.50 -11.22
CA LEU A 368 3.36 34.53 -10.70
C LEU A 368 3.63 35.75 -9.84
N ALA B 2 33.72 27.37 5.21
CA ALA B 2 32.72 26.51 5.81
C ALA B 2 32.70 25.12 5.13
N MET B 3 31.78 24.25 5.59
CA MET B 3 31.61 22.90 5.08
C MET B 3 31.44 22.81 3.56
N LYS B 4 32.26 21.98 2.92
CA LYS B 4 32.19 21.76 1.48
C LYS B 4 32.51 20.30 1.15
N PHE B 5 31.76 19.69 0.18
CA PHE B 5 31.99 18.33 -0.29
C PHE B 5 31.36 18.09 -1.65
N THR B 6 31.96 17.19 -2.45
CA THR B 6 31.43 16.69 -3.71
C THR B 6 31.46 15.18 -3.60
N VAL B 7 30.32 14.55 -3.83
CA VAL B 7 30.21 13.11 -3.72
C VAL B 7 29.29 12.60 -4.84
N GLU B 8 29.59 11.40 -5.33
CA GLU B 8 28.81 10.74 -6.34
C GLU B 8 27.48 10.37 -5.72
N ARG B 9 26.37 10.57 -6.45
CA ARG B 9 25.01 10.27 -5.99
C ARG B 9 24.90 8.92 -5.29
N GLU B 10 25.39 7.85 -5.95
CA GLU B 10 25.27 6.49 -5.41
C GLU B 10 26.02 6.19 -4.12
N HIS B 11 26.99 7.05 -3.75
CA HIS B 11 27.68 6.94 -2.47
C HIS B 11 26.90 7.65 -1.37
N LEU B 12 25.87 8.43 -1.73
CA LEU B 12 25.10 9.20 -0.75
C LEU B 12 23.70 8.65 -0.53
N LEU B 13 23.11 7.99 -1.55
CA LEU B 13 21.74 7.49 -1.53
C LEU B 13 21.34 6.60 -0.36
N LYS B 14 21.95 5.40 -0.22
CA LYS B 14 21.64 4.48 0.87
C LYS B 14 21.93 5.17 2.22
N PRO B 15 23.11 5.83 2.46
CA PRO B 15 23.29 6.58 3.73
C PRO B 15 22.15 7.54 4.06
N LEU B 16 21.66 8.31 3.05
CA LEU B 16 20.55 9.26 3.25
C LEU B 16 19.27 8.56 3.59
N GLN B 17 19.00 7.42 2.95
CA GLN B 17 17.80 6.65 3.22
C GLN B 17 17.83 6.10 4.64
N GLN B 18 18.99 5.58 5.09
CA GLN B 18 19.11 4.97 6.42
C GLN B 18 18.98 5.99 7.56
N VAL B 19 19.61 7.16 7.43
CA VAL B 19 19.55 8.18 8.50
C VAL B 19 18.15 8.88 8.62
N SER B 20 17.35 8.86 7.55
CA SER B 20 16.01 9.44 7.59
C SER B 20 14.99 8.48 8.34
N GLY B 21 15.46 7.28 8.73
CA GLY B 21 14.70 6.26 9.44
C GLY B 21 14.10 6.68 10.77
N PRO B 22 14.90 7.11 11.80
CA PRO B 22 14.31 7.57 13.07
C PRO B 22 13.30 8.75 12.97
N LEU B 23 13.24 9.39 11.78
CA LEU B 23 12.41 10.56 11.44
C LEU B 23 10.98 10.20 11.08
N PRO B 27 7.79 16.38 13.47
CA PRO B 27 8.64 16.57 14.65
C PRO B 27 8.14 17.64 15.63
N THR B 28 8.49 17.47 16.93
CA THR B 28 8.12 18.40 18.01
C THR B 28 8.81 19.75 17.79
N LEU B 29 10.08 19.72 17.36
CA LEU B 29 10.90 20.88 17.04
C LEU B 29 11.36 20.75 15.59
N PRO B 30 11.46 21.87 14.81
CA PRO B 30 11.93 21.76 13.41
C PRO B 30 13.30 21.11 13.20
N ILE B 31 14.25 21.23 14.17
CA ILE B 31 15.60 20.64 14.04
C ILE B 31 15.63 19.10 13.93
N LEU B 32 14.60 18.43 14.45
CA LEU B 32 14.44 16.97 14.40
C LEU B 32 14.07 16.48 13.01
N GLY B 33 13.62 17.41 12.16
CA GLY B 33 13.27 17.14 10.77
C GLY B 33 14.47 17.29 9.86
N ASN B 34 15.61 17.71 10.45
CA ASN B 34 16.86 17.90 9.74
C ASN B 34 17.85 16.77 9.98
N LEU B 35 18.85 16.68 9.09
CA LEU B 35 19.97 15.79 9.26
C LEU B 35 21.13 16.64 9.59
N LEU B 36 21.96 16.16 10.51
CA LEU B 36 23.19 16.84 10.84
C LEU B 36 24.22 16.33 9.84
N LEU B 37 24.90 17.25 9.15
CA LEU B 37 25.95 16.93 8.19
C LEU B 37 27.27 17.41 8.75
N GLN B 38 28.29 16.54 8.80
CA GLN B 38 29.59 16.97 9.31
C GLN B 38 30.73 16.48 8.41
N VAL B 39 31.61 17.38 8.00
CA VAL B 39 32.81 17.02 7.24
C VAL B 39 34.01 17.16 8.19
N ALA B 40 34.78 16.07 8.36
CA ALA B 40 35.98 15.98 9.20
C ALA B 40 36.85 14.85 8.68
N ASP B 41 38.14 15.11 8.48
CA ASP B 41 39.18 14.16 8.03
C ASP B 41 38.78 13.06 7.06
N GLY B 42 38.47 13.44 5.83
CA GLY B 42 38.11 12.51 4.77
C GLY B 42 36.77 11.82 4.89
N THR B 43 35.92 12.24 5.84
CA THR B 43 34.60 11.61 6.01
C THR B 43 33.47 12.62 6.10
N LEU B 44 32.33 12.27 5.50
CA LEU B 44 31.09 13.00 5.67
C LEU B 44 30.23 12.11 6.61
N SER B 45 29.82 12.68 7.76
CA SER B 45 28.92 11.99 8.68
C SER B 45 27.54 12.58 8.52
N LEU B 46 26.52 11.71 8.51
CA LEU B 46 25.13 12.12 8.40
C LEU B 46 24.40 11.55 9.62
N THR B 47 23.65 12.40 10.33
CA THR B 47 22.92 11.97 11.54
C THR B 47 21.48 12.39 11.54
N GLY B 48 20.60 11.44 11.82
CA GLY B 48 19.18 11.66 11.97
C GLY B 48 18.77 11.22 13.37
N THR B 49 17.88 11.96 14.06
CA THR B 49 17.44 11.62 15.43
C THR B 49 15.95 11.97 15.73
N ASP B 50 15.34 11.25 16.68
CA ASP B 50 14.00 11.56 17.20
C ASP B 50 14.10 11.82 18.73
N LEU B 51 15.34 12.03 19.25
CA LEU B 51 15.70 12.20 20.68
C LEU B 51 15.81 10.89 21.44
N GLU B 52 15.08 9.84 21.05
CA GLU B 52 15.12 8.53 21.70
C GLU B 52 16.10 7.59 20.98
N MET B 53 16.32 7.86 19.70
CA MET B 53 17.22 7.08 18.86
C MET B 53 17.89 7.93 17.80
N GLU B 54 19.02 7.45 17.29
CA GLU B 54 19.76 8.16 16.27
C GLU B 54 20.42 7.18 15.32
N MET B 55 20.57 7.60 14.06
CA MET B 55 21.22 6.80 13.03
C MET B 55 22.32 7.68 12.46
N VAL B 56 23.56 7.15 12.42
CA VAL B 56 24.73 7.86 11.92
C VAL B 56 25.27 7.06 10.74
N ALA B 57 25.55 7.73 9.62
CA ALA B 57 26.15 7.09 8.45
C ALA B 57 27.45 7.83 8.14
N ARG B 58 28.50 7.08 7.76
CA ARG B 58 29.81 7.63 7.44
C ARG B 58 30.08 7.35 5.99
N VAL B 59 30.46 8.41 5.24
CA VAL B 59 30.73 8.34 3.80
C VAL B 59 32.12 8.83 3.54
N ALA B 60 32.99 7.95 2.96
CA ALA B 60 34.36 8.36 2.64
C ALA B 60 34.37 9.41 1.51
N LEU B 61 35.17 10.47 1.67
CA LEU B 61 35.28 11.57 0.70
C LEU B 61 36.58 11.50 -0.10
N VAL B 62 36.51 11.08 -1.35
CA VAL B 62 37.67 10.93 -2.26
C VAL B 62 37.95 12.20 -3.10
N GLN B 63 36.96 13.09 -3.19
CA GLN B 63 37.00 14.35 -3.94
C GLN B 63 37.31 15.49 -2.98
N PRO B 64 37.83 16.66 -3.43
CA PRO B 64 38.16 17.72 -2.47
C PRO B 64 36.99 18.15 -1.58
N HIS B 65 37.32 18.52 -0.34
CA HIS B 65 36.35 18.86 0.69
C HIS B 65 36.94 19.83 1.70
N GLU B 66 36.06 20.49 2.47
CA GLU B 66 36.41 21.45 3.52
C GLU B 66 35.59 21.12 4.75
N PRO B 67 36.23 21.16 5.94
CA PRO B 67 35.50 20.79 7.15
C PRO B 67 34.44 21.77 7.64
N GLY B 68 33.51 21.23 8.39
CA GLY B 68 32.42 22.01 8.96
C GLY B 68 31.19 21.18 9.16
N ALA B 69 30.13 21.83 9.60
CA ALA B 69 28.88 21.15 9.84
C ALA B 69 27.70 22.07 9.66
N THR B 70 26.53 21.45 9.37
CA THR B 70 25.27 22.14 9.25
C THR B 70 24.15 21.13 9.45
N THR B 71 22.91 21.63 9.51
CA THR B 71 21.70 20.80 9.54
C THR B 71 20.82 21.21 8.35
N VAL B 72 20.21 20.23 7.68
CA VAL B 72 19.43 20.47 6.49
C VAL B 72 18.13 19.65 6.51
N PRO B 73 16.97 20.14 5.99
CA PRO B 73 15.77 19.29 5.97
C PRO B 73 16.07 17.93 5.32
N ALA B 74 15.89 16.85 6.07
CA ALA B 74 16.17 15.47 5.67
C ALA B 74 15.48 14.98 4.42
N ARG B 75 14.13 15.02 4.41
CA ARG B 75 13.30 14.57 3.30
C ARG B 75 13.62 15.35 2.02
N LYS B 76 13.72 16.69 2.10
CA LYS B 76 14.07 17.55 0.96
C LYS B 76 15.41 17.20 0.35
N PHE B 77 16.47 17.05 1.20
CA PHE B 77 17.81 16.72 0.72
C PHE B 77 17.87 15.32 0.09
N PHE B 78 17.25 14.34 0.75
CA PHE B 78 17.18 12.98 0.21
C PHE B 78 16.46 13.00 -1.13
N ASP B 79 15.27 13.67 -1.19
CA ASP B 79 14.47 13.73 -2.42
C ASP B 79 15.23 14.36 -3.56
N ILE B 80 16.06 15.39 -3.28
CA ILE B 80 16.86 16.02 -4.32
C ILE B 80 17.91 15.04 -4.85
N CYS B 81 18.61 14.38 -3.93
CA CYS B 81 19.66 13.43 -4.30
C CYS B 81 19.09 12.26 -5.10
N ARG B 82 17.95 11.71 -4.64
CA ARG B 82 17.26 10.60 -5.30
C ARG B 82 16.78 10.99 -6.68
N GLY B 83 16.26 12.24 -6.79
CA GLY B 83 15.71 12.80 -8.01
C GLY B 83 16.72 13.10 -9.10
N LEU B 84 17.98 13.22 -8.74
CA LEU B 84 19.05 13.50 -9.71
C LEU B 84 19.37 12.26 -10.56
N PRO B 85 19.97 12.39 -11.76
CA PRO B 85 20.21 11.20 -12.56
C PRO B 85 21.30 10.30 -12.00
N GLU B 86 21.27 9.02 -12.37
CA GLU B 86 22.28 8.05 -11.97
C GLU B 86 23.65 8.53 -12.43
N GLY B 87 24.64 8.42 -11.55
CA GLY B 87 25.99 8.87 -11.81
C GLY B 87 26.24 10.35 -11.59
N ALA B 88 25.23 11.12 -11.12
CA ALA B 88 25.40 12.56 -10.88
C ALA B 88 26.41 12.86 -9.75
N GLU B 89 27.23 13.88 -9.95
CA GLU B 89 28.18 14.38 -8.96
C GLU B 89 27.41 15.43 -8.17
N ILE B 90 27.33 15.30 -6.84
CA ILE B 90 26.57 16.26 -6.03
C ILE B 90 27.57 17.16 -5.27
N ALA B 91 27.62 18.45 -5.64
CA ALA B 91 28.49 19.46 -5.04
C ALA B 91 27.70 20.24 -3.99
N VAL B 92 28.24 20.28 -2.75
CA VAL B 92 27.55 20.90 -1.62
C VAL B 92 28.47 21.92 -0.91
N GLN B 93 27.94 23.13 -0.63
CA GLN B 93 28.64 24.18 0.13
C GLN B 93 27.61 25.05 0.85
N LEU B 94 28.07 25.87 1.80
CA LEU B 94 27.19 26.78 2.54
C LEU B 94 27.38 28.18 2.02
N GLU B 95 26.29 28.94 1.98
CA GLU B 95 26.28 30.35 1.57
C GLU B 95 25.28 31.01 2.52
N GLY B 96 25.84 31.62 3.56
CA GLY B 96 25.06 32.24 4.63
C GLY B 96 24.37 31.18 5.45
N GLU B 97 23.04 31.32 5.64
CA GLU B 97 22.18 30.37 6.36
C GLU B 97 21.47 29.41 5.38
N ARG B 98 22.08 29.20 4.20
CA ARG B 98 21.56 28.30 3.17
C ARG B 98 22.55 27.23 2.76
N MET B 99 22.05 26.02 2.44
CA MET B 99 22.93 24.99 1.90
C MET B 99 22.68 24.90 0.38
N LEU B 100 23.74 25.04 -0.39
CA LEU B 100 23.69 25.01 -1.84
C LEU B 100 24.06 23.65 -2.35
N VAL B 101 23.17 23.06 -3.17
CA VAL B 101 23.37 21.73 -3.77
C VAL B 101 23.38 21.96 -5.27
N ARG B 102 24.44 21.53 -5.93
CA ARG B 102 24.58 21.74 -7.38
C ARG B 102 24.97 20.44 -8.03
N SER B 103 24.32 20.12 -9.15
CA SER B 103 24.60 18.94 -9.96
C SER B 103 24.14 19.21 -11.35
N GLY B 104 25.06 19.09 -12.31
CA GLY B 104 24.77 19.44 -13.70
C GLY B 104 24.27 20.87 -13.75
N ARG B 105 23.10 21.08 -14.33
CA ARG B 105 22.47 22.42 -14.38
C ARG B 105 21.28 22.52 -13.39
N SER B 106 21.32 21.71 -12.32
CA SER B 106 20.29 21.70 -11.27
C SER B 106 20.91 22.38 -10.07
N ARG B 107 20.22 23.40 -9.52
CA ARG B 107 20.69 24.16 -8.36
C ARG B 107 19.62 24.20 -7.28
N PHE B 108 20.01 23.94 -6.03
CA PHE B 108 19.04 23.96 -4.91
C PHE B 108 19.63 24.76 -3.77
N SER B 109 18.81 25.58 -3.12
CA SER B 109 19.21 26.36 -1.96
C SER B 109 18.26 25.96 -0.85
N LEU B 110 18.81 25.27 0.16
CA LEU B 110 18.06 24.75 1.28
C LEU B 110 18.32 25.55 2.55
N SER B 111 17.28 25.69 3.37
CA SER B 111 17.38 26.39 4.64
C SER B 111 18.19 25.53 5.61
N THR B 112 18.93 26.17 6.51
CA THR B 112 19.73 25.43 7.48
C THR B 112 19.39 25.88 8.90
N LEU B 113 19.73 25.03 9.87
CA LEU B 113 19.67 25.30 11.30
C LEU B 113 21.08 25.00 11.80
N PRO B 114 21.65 25.81 12.74
CA PRO B 114 23.04 25.56 13.17
C PRO B 114 23.30 24.14 13.69
N ALA B 115 24.48 23.61 13.36
CA ALA B 115 24.93 22.27 13.78
C ALA B 115 24.97 22.20 15.32
N ALA B 116 25.32 23.32 15.97
CA ALA B 116 25.38 23.48 17.43
C ALA B 116 24.04 23.29 18.13
N ASP B 117 22.90 23.43 17.41
CA ASP B 117 21.56 23.21 17.97
C ASP B 117 21.07 21.77 17.77
N PHE B 118 21.84 20.93 17.04
CA PHE B 118 21.43 19.54 16.81
C PHE B 118 21.52 18.72 18.10
N PRO B 119 20.45 18.00 18.48
CA PRO B 119 20.51 17.25 19.74
C PRO B 119 21.50 16.09 19.73
N ASN B 120 22.44 16.14 20.67
CA ASN B 120 23.44 15.10 20.87
C ASN B 120 22.86 14.08 21.85
N LEU B 121 23.06 12.79 21.57
CA LEU B 121 22.64 11.72 22.47
C LEU B 121 23.69 11.65 23.59
N ASP B 122 23.22 11.45 24.84
CA ASP B 122 24.09 11.40 26.02
C ASP B 122 25.10 10.24 25.95
N ASP B 123 26.38 10.56 26.26
CA ASP B 123 27.49 9.61 26.29
C ASP B 123 27.19 8.48 27.29
N TRP B 124 27.60 7.26 26.95
CA TRP B 124 27.35 6.06 27.75
C TRP B 124 28.43 5.01 27.51
N GLN B 125 28.53 4.05 28.44
CA GLN B 125 29.49 2.97 28.34
C GLN B 125 28.80 1.64 28.09
N SER B 126 29.34 0.84 27.14
CA SER B 126 28.81 -0.49 26.87
C SER B 126 29.26 -1.45 27.99
N GLU B 127 28.38 -2.36 28.39
CA GLU B 127 28.59 -3.34 29.44
C GLU B 127 28.70 -4.74 28.84
N VAL B 128 28.16 -4.92 27.62
CA VAL B 128 28.16 -6.18 26.90
C VAL B 128 28.23 -5.90 25.40
N GLU B 129 29.11 -6.61 24.72
CA GLU B 129 29.34 -6.48 23.29
C GLU B 129 29.47 -7.80 22.67
N PHE B 130 28.98 -7.92 21.44
CA PHE B 130 29.05 -9.16 20.67
C PHE B 130 28.80 -8.86 19.21
N THR B 131 29.24 -9.77 18.35
CA THR B 131 29.10 -9.70 16.91
C THR B 131 28.25 -10.89 16.50
N LEU B 132 27.35 -10.68 15.54
CA LEU B 132 26.49 -11.72 15.02
C LEU B 132 26.14 -11.38 13.58
N PRO B 133 25.89 -12.41 12.73
CA PRO B 133 25.49 -12.15 11.35
C PRO B 133 24.16 -11.41 11.29
N GLN B 134 23.93 -10.62 10.23
CA GLN B 134 22.71 -9.84 10.03
C GLN B 134 21.45 -10.72 9.97
N ALA B 135 21.56 -11.86 9.29
CA ALA B 135 20.49 -12.85 9.12
C ALA B 135 20.06 -13.42 10.47
N THR B 136 20.98 -13.50 11.44
CA THR B 136 20.66 -14.00 12.77
C THR B 136 19.82 -12.97 13.52
N MET B 137 20.19 -11.69 13.41
CA MET B 137 19.44 -10.61 14.04
C MET B 137 18.05 -10.47 13.38
N LYS B 138 17.96 -10.66 12.05
CA LYS B 138 16.73 -10.58 11.27
C LYS B 138 15.76 -11.69 11.71
N ARG B 139 16.27 -12.93 11.83
CA ARG B 139 15.49 -14.09 12.26
C ARG B 139 14.95 -13.89 13.67
N LEU B 140 15.77 -13.33 14.60
CA LEU B 140 15.39 -13.11 16.00
C LEU B 140 14.24 -12.12 16.12
N ILE B 141 14.31 -11.04 15.32
CA ILE B 141 13.30 -10.01 15.32
C ILE B 141 12.02 -10.47 14.65
N GLU B 142 12.12 -11.00 13.40
CA GLU B 142 10.98 -11.49 12.64
C GLU B 142 10.21 -12.57 13.37
N ALA B 143 10.93 -13.49 14.08
CA ALA B 143 10.27 -14.59 14.78
C ALA B 143 9.40 -14.14 15.92
N THR B 144 9.67 -12.95 16.49
CA THR B 144 8.96 -12.50 17.69
C THR B 144 8.21 -11.17 17.61
N GLN B 145 8.58 -10.27 16.66
CA GLN B 145 8.01 -8.93 16.57
C GLN B 145 6.49 -8.80 16.68
N PHE B 146 5.73 -9.65 15.97
CA PHE B 146 4.25 -9.58 16.01
C PHE B 146 3.64 -9.73 17.41
N SER B 147 4.37 -10.34 18.38
CA SER B 147 3.83 -10.59 19.72
C SER B 147 3.95 -9.46 20.68
N MET B 148 4.64 -8.38 20.30
CA MET B 148 4.81 -7.21 21.16
C MET B 148 3.46 -6.55 21.41
N ALA B 149 3.28 -5.98 22.60
CA ALA B 149 2.06 -5.28 22.95
C ALA B 149 1.92 -4.00 22.13
N HIS B 150 0.68 -3.72 21.66
CA HIS B 150 0.39 -2.53 20.87
C HIS B 150 -0.16 -1.45 21.78
N GLN B 151 0.72 -0.53 22.17
CA GLN B 151 0.42 0.61 23.04
C GLN B 151 -0.25 0.25 24.38
N ASP B 152 0.29 -0.78 25.08
CA ASP B 152 -0.19 -1.21 26.40
C ASP B 152 0.24 -0.21 27.46
N VAL B 153 -0.52 -0.16 28.56
CA VAL B 153 -0.29 0.68 29.74
C VAL B 153 0.93 0.16 30.53
N ARG B 154 1.30 -1.13 30.29
CA ARG B 154 2.48 -1.77 30.86
C ARG B 154 3.50 -1.56 29.76
N TYR B 155 4.01 -0.31 29.72
CA TYR B 155 4.96 0.24 28.77
C TYR B 155 6.09 -0.74 28.48
N TYR B 156 6.57 -1.46 29.51
CA TYR B 156 7.63 -2.46 29.33
C TYR B 156 7.32 -3.55 28.29
N LEU B 157 6.02 -3.85 28.05
CA LEU B 157 5.59 -4.88 27.06
C LEU B 157 5.47 -4.34 25.64
N ASN B 158 5.62 -3.02 25.48
CA ASN B 158 5.54 -2.38 24.17
C ASN B 158 6.79 -2.60 23.34
N GLY B 159 7.86 -3.02 24.00
CA GLY B 159 9.13 -3.31 23.36
C GLY B 159 9.43 -4.78 23.22
N MET B 160 10.70 -5.10 22.91
CA MET B 160 11.18 -6.46 22.75
C MET B 160 12.36 -6.71 23.70
N LEU B 161 12.34 -7.85 24.39
CA LEU B 161 13.42 -8.21 25.29
C LEU B 161 14.56 -8.78 24.50
N PHE B 162 15.79 -8.31 24.82
CA PHE B 162 17.03 -8.83 24.25
C PHE B 162 17.79 -9.38 25.43
N GLU B 163 18.03 -10.66 25.43
CA GLU B 163 18.64 -11.31 26.57
C GLU B 163 19.81 -12.15 26.14
N THR B 164 20.93 -11.95 26.84
CA THR B 164 22.15 -12.72 26.62
C THR B 164 22.30 -13.63 27.82
N GLU B 165 22.52 -14.91 27.56
CA GLU B 165 22.72 -15.94 28.59
C GLU B 165 23.63 -17.00 27.97
N GLY B 166 24.84 -17.17 28.54
CA GLY B 166 25.82 -18.12 28.04
C GLY B 166 26.37 -17.66 26.71
N GLU B 167 26.26 -18.51 25.69
CA GLU B 167 26.68 -18.26 24.31
C GLU B 167 25.45 -17.91 23.43
N GLU B 168 24.30 -17.61 24.07
CA GLU B 168 23.06 -17.37 23.34
C GLU B 168 22.48 -15.97 23.45
N LEU B 169 21.82 -15.54 22.37
CA LEU B 169 21.06 -14.28 22.32
C LEU B 169 19.59 -14.64 22.11
N ARG B 170 18.73 -14.09 22.93
CA ARG B 170 17.31 -14.38 22.75
C ARG B 170 16.45 -13.16 22.71
N THR B 171 15.38 -13.23 21.91
CA THR B 171 14.38 -12.19 21.83
C THR B 171 13.09 -12.72 22.39
N VAL B 172 12.40 -11.90 23.16
CA VAL B 172 11.11 -12.26 23.75
C VAL B 172 10.15 -11.07 23.53
N ALA B 173 8.94 -11.39 23.03
CA ALA B 173 7.84 -10.43 22.82
C ALA B 173 6.53 -11.06 23.36
N THR B 174 5.76 -10.27 24.11
CA THR B 174 4.48 -10.68 24.72
C THR B 174 3.57 -9.50 24.93
N ASP B 175 2.25 -9.79 24.99
CA ASP B 175 1.20 -8.81 25.23
C ASP B 175 0.34 -9.22 26.45
N GLY B 176 0.79 -10.24 27.17
CA GLY B 176 0.08 -10.73 28.34
C GLY B 176 -0.86 -11.86 28.04
N HIS B 177 -1.10 -12.12 26.74
CA HIS B 177 -2.00 -13.17 26.29
C HIS B 177 -1.30 -14.16 25.44
N ARG B 178 -0.35 -13.67 24.66
CA ARG B 178 0.40 -14.49 23.75
C ARG B 178 1.87 -14.06 23.82
N LEU B 179 2.76 -15.01 23.58
CA LEU B 179 4.19 -14.79 23.75
C LEU B 179 4.95 -15.44 22.66
N ALA B 180 6.10 -14.84 22.28
CA ALA B 180 7.02 -15.39 21.29
C ALA B 180 8.45 -15.35 21.89
N VAL B 181 9.23 -16.39 21.66
CA VAL B 181 10.62 -16.44 22.16
C VAL B 181 11.46 -17.06 21.10
N CYS B 182 12.61 -16.47 20.79
CA CYS B 182 13.54 -17.01 19.81
C CYS B 182 14.92 -16.95 20.43
N SER B 183 15.68 -18.03 20.36
CA SER B 183 17.04 -18.06 20.89
C SER B 183 17.95 -18.49 19.77
N MET B 184 19.13 -17.82 19.66
CA MET B 184 20.12 -18.13 18.64
C MET B 184 21.53 -18.19 19.22
N PRO B 185 22.31 -19.22 18.82
CA PRO B 185 23.69 -19.35 19.32
C PRO B 185 24.57 -18.27 18.69
N ILE B 186 25.41 -17.59 19.50
CA ILE B 186 26.28 -16.54 18.99
C ILE B 186 27.81 -16.85 19.02
N GLY B 187 28.19 -17.96 19.65
CA GLY B 187 29.56 -18.46 19.71
C GLY B 187 30.55 -17.62 20.52
N GLN B 188 30.04 -16.86 21.49
CA GLN B 188 30.84 -15.98 22.36
C GLN B 188 30.18 -16.06 23.72
N SER B 189 30.96 -16.28 24.79
CA SER B 189 30.45 -16.36 26.16
C SER B 189 30.09 -14.95 26.60
N LEU B 190 28.83 -14.75 27.00
CA LEU B 190 28.35 -13.43 27.36
C LEU B 190 27.90 -13.34 28.78
N PRO B 191 27.99 -12.14 29.44
CA PRO B 191 27.42 -12.04 30.78
C PRO B 191 25.89 -12.12 30.65
N SER B 192 25.19 -12.54 31.70
CA SER B 192 23.74 -12.59 31.68
C SER B 192 23.24 -11.17 31.79
N HIS B 193 22.52 -10.71 30.75
CA HIS B 193 22.01 -9.35 30.67
C HIS B 193 20.66 -9.35 29.93
N SER B 194 19.73 -8.50 30.39
CA SER B 194 18.41 -8.36 29.76
C SER B 194 18.07 -6.92 29.63
N VAL B 195 17.67 -6.53 28.41
CA VAL B 195 17.27 -5.18 28.14
C VAL B 195 16.02 -5.18 27.28
N ILE B 196 15.26 -4.09 27.36
CA ILE B 196 14.06 -3.94 26.55
C ILE B 196 14.29 -2.86 25.48
N VAL B 197 14.25 -3.27 24.21
CA VAL B 197 14.38 -2.37 23.06
C VAL B 197 12.99 -1.83 22.71
N PRO B 198 12.77 -0.49 22.67
CA PRO B 198 11.44 0.02 22.29
C PRO B 198 11.02 -0.39 20.89
N ARG B 199 9.69 -0.42 20.66
CA ARG B 199 9.07 -0.76 19.38
C ARG B 199 9.76 -0.09 18.18
N LYS B 200 9.96 1.23 18.26
CA LYS B 200 10.58 1.99 17.18
C LYS B 200 12.04 1.59 16.93
N GLY B 201 12.76 1.18 17.99
CA GLY B 201 14.14 0.71 17.93
C GLY B 201 14.22 -0.61 17.19
N VAL B 202 13.30 -1.53 17.52
CA VAL B 202 13.20 -2.83 16.86
C VAL B 202 12.95 -2.64 15.35
N ILE B 203 12.00 -1.75 14.99
CA ILE B 203 11.71 -1.44 13.58
C ILE B 203 12.96 -0.89 12.88
N GLU B 204 13.64 0.10 13.49
CA GLU B 204 14.85 0.69 12.92
C GLU B 204 15.98 -0.33 12.78
N LEU B 205 16.18 -1.17 13.81
CA LEU B 205 17.19 -2.23 13.81
C LEU B 205 16.96 -3.24 12.66
N MET B 206 15.69 -3.60 12.43
CA MET B 206 15.26 -4.49 11.35
C MET B 206 15.50 -3.81 9.97
N ARG B 207 15.11 -2.53 9.86
CA ARG B 207 15.28 -1.73 8.62
C ARG B 207 16.75 -1.52 8.24
N MET B 208 17.66 -1.56 9.22
CA MET B 208 19.08 -1.38 8.96
C MET B 208 19.81 -2.61 8.42
N LEU B 209 19.15 -3.76 8.44
CA LEU B 209 19.78 -4.99 7.95
C LEU B 209 19.55 -5.14 6.44
N ASP B 210 20.53 -4.67 5.64
CA ASP B 210 20.51 -4.67 4.16
C ASP B 210 20.40 -6.05 3.51
N GLY B 211 20.64 -7.10 4.29
CA GLY B 211 20.57 -8.49 3.84
C GLY B 211 21.85 -8.97 3.19
N GLY B 212 22.94 -8.23 3.41
CA GLY B 212 24.27 -8.54 2.91
C GLY B 212 25.06 -9.42 3.85
N ASP B 213 26.38 -9.48 3.65
CA ASP B 213 27.29 -10.31 4.43
C ASP B 213 28.08 -9.58 5.52
N ASN B 214 27.87 -8.24 5.68
CA ASN B 214 28.57 -7.50 6.75
C ASN B 214 28.02 -7.92 8.12
N PRO B 215 28.88 -8.23 9.11
CA PRO B 215 28.35 -8.63 10.42
C PRO B 215 27.82 -7.45 11.21
N LEU B 216 26.96 -7.72 12.18
CA LEU B 216 26.40 -6.69 13.04
C LEU B 216 27.15 -6.70 14.35
N ARG B 217 27.63 -5.54 14.77
CA ARG B 217 28.31 -5.43 16.05
C ARG B 217 27.34 -4.77 17.02
N VAL B 218 27.05 -5.46 18.14
CA VAL B 218 26.12 -4.96 19.15
C VAL B 218 26.83 -4.57 20.42
N GLN B 219 26.48 -3.40 20.95
CA GLN B 219 27.00 -2.90 22.22
C GLN B 219 25.78 -2.55 23.05
N ILE B 220 25.71 -3.04 24.29
CA ILE B 220 24.57 -2.79 25.19
C ILE B 220 25.06 -2.18 26.49
N GLY B 221 24.54 -1.01 26.79
CA GLY B 221 24.85 -0.30 28.02
C GLY B 221 23.73 -0.51 29.00
N SER B 222 23.69 0.34 30.04
CA SER B 222 22.65 0.24 31.07
C SER B 222 21.30 0.79 30.60
N ASN B 223 21.30 1.90 29.81
CA ASN B 223 20.08 2.53 29.31
C ASN B 223 20.11 2.77 27.78
N ASN B 224 21.06 2.15 27.06
CA ASN B 224 21.18 2.35 25.62
C ASN B 224 21.65 1.12 24.94
N ILE B 225 21.34 1.01 23.65
CA ILE B 225 21.75 -0.07 22.77
C ILE B 225 22.34 0.55 21.48
N ARG B 226 23.42 -0.04 20.96
CA ARG B 226 24.07 0.42 19.73
C ARG B 226 24.31 -0.75 18.79
N ALA B 227 23.95 -0.57 17.52
CA ALA B 227 24.20 -1.59 16.50
C ALA B 227 25.04 -0.99 15.36
N HIS B 228 26.21 -1.60 15.07
N HIS B 228 26.18 -1.61 15.05
CA HIS B 228 27.14 -1.20 14.01
CA HIS B 228 27.08 -1.13 13.98
C HIS B 228 27.00 -2.18 12.85
C HIS B 228 27.01 -2.15 12.84
N VAL B 229 26.69 -1.69 11.63
CA VAL B 229 26.59 -2.54 10.43
C VAL B 229 27.26 -1.77 9.30
N GLY B 230 28.42 -2.21 8.85
CA GLY B 230 29.17 -1.52 7.79
C GLY B 230 29.47 -0.10 8.23
N ASP B 231 28.98 0.88 7.47
CA ASP B 231 29.18 2.30 7.76
C ASP B 231 28.01 2.99 8.46
N PHE B 232 27.16 2.19 9.12
CA PHE B 232 25.99 2.69 9.84
C PHE B 232 26.04 2.38 11.29
N ILE B 233 25.67 3.38 12.12
CA ILE B 233 25.63 3.15 13.56
C ILE B 233 24.26 3.57 14.02
N PHE B 234 23.51 2.63 14.61
CA PHE B 234 22.19 2.91 15.13
C PHE B 234 22.26 2.89 16.63
N THR B 235 21.76 3.92 17.30
CA THR B 235 21.73 3.97 18.76
C THR B 235 20.31 4.21 19.23
N SER B 236 19.87 3.49 20.28
CA SER B 236 18.55 3.67 20.84
C SER B 236 18.58 3.63 22.34
N LYS B 237 17.74 4.44 22.98
CA LYS B 237 17.53 4.38 24.42
C LYS B 237 16.80 3.05 24.68
N LEU B 238 16.96 2.49 25.88
CA LEU B 238 16.29 1.25 26.27
C LEU B 238 15.04 1.56 27.08
N VAL B 239 14.08 0.61 27.14
CA VAL B 239 12.88 0.85 27.96
C VAL B 239 13.24 0.58 29.43
N ASP B 240 13.04 1.59 30.28
CA ASP B 240 13.37 1.48 31.70
C ASP B 240 12.24 0.81 32.47
N GLY B 241 12.19 -0.51 32.40
CA GLY B 241 11.21 -1.36 33.09
C GLY B 241 11.75 -2.76 33.25
N ARG B 242 10.97 -3.66 33.89
CA ARG B 242 11.35 -5.06 34.09
C ARG B 242 10.42 -5.98 33.33
N PHE B 243 10.97 -6.77 32.43
CA PHE B 243 10.18 -7.66 31.60
C PHE B 243 9.84 -8.93 32.37
N PRO B 244 8.67 -9.58 32.15
CA PRO B 244 8.39 -10.85 32.87
C PRO B 244 9.28 -12.01 32.35
N ASP B 245 9.26 -13.18 33.00
CA ASP B 245 10.08 -14.32 32.58
C ASP B 245 9.33 -15.38 31.75
N TYR B 246 9.67 -15.48 30.46
CA TYR B 246 9.08 -16.43 29.52
C TYR B 246 9.01 -17.87 30.07
N ARG B 247 10.05 -18.28 30.84
CA ARG B 247 10.17 -19.60 31.47
C ARG B 247 8.95 -19.94 32.30
N ARG B 248 8.37 -18.94 33.02
CA ARG B 248 7.22 -19.12 33.91
C ARG B 248 5.93 -19.52 33.19
N VAL B 249 5.80 -19.15 31.90
CA VAL B 249 4.61 -19.42 31.12
C VAL B 249 4.77 -20.62 30.22
N LEU B 250 6.00 -21.15 30.10
CA LEU B 250 6.18 -22.32 29.25
C LEU B 250 5.46 -23.52 29.89
N PRO B 251 4.63 -24.28 29.12
CA PRO B 251 3.93 -25.45 29.71
C PRO B 251 4.92 -26.36 30.41
N LYS B 252 4.66 -26.62 31.71
CA LYS B 252 5.52 -27.41 32.60
C LYS B 252 5.80 -28.86 32.16
N ASN B 253 4.78 -29.74 32.14
CA ASN B 253 4.99 -31.13 31.71
C ASN B 253 3.81 -31.48 30.80
N PRO B 254 3.85 -31.02 29.51
CA PRO B 254 2.69 -31.22 28.65
C PRO B 254 2.37 -32.68 28.42
N ASP B 255 1.11 -33.05 28.66
CA ASP B 255 0.70 -34.43 28.49
C ASP B 255 0.08 -34.66 27.12
N LYS B 256 -0.25 -33.58 26.38
CA LYS B 256 -0.86 -33.70 25.05
C LYS B 256 0.01 -33.03 23.97
N HIS B 257 0.17 -33.72 22.84
CA HIS B 257 1.00 -33.26 21.71
C HIS B 257 0.23 -33.49 20.41
N LEU B 258 0.12 -32.46 19.58
CA LEU B 258 -0.55 -32.53 18.29
C LEU B 258 0.44 -32.08 17.20
N GLU B 259 0.48 -32.79 16.09
CA GLU B 259 1.32 -32.41 14.94
C GLU B 259 0.46 -32.32 13.69
N ALA B 260 0.65 -31.25 12.93
CA ALA B 260 -0.13 -31.07 11.72
C ALA B 260 0.66 -30.26 10.69
N GLY B 261 0.26 -30.41 9.43
CA GLY B 261 0.81 -29.63 8.33
C GLY B 261 0.46 -28.17 8.55
N CYS B 262 1.46 -27.31 8.51
CA CYS B 262 1.26 -25.90 8.74
C CYS B 262 0.29 -25.23 7.78
N ASP B 263 0.43 -25.48 6.47
CA ASP B 263 -0.46 -24.85 5.50
C ASP B 263 -1.91 -25.25 5.67
N LEU B 264 -2.20 -26.55 5.77
CA LEU B 264 -3.57 -27.04 5.96
C LEU B 264 -4.19 -26.50 7.25
N LEU B 265 -3.40 -26.41 8.33
CA LEU B 265 -3.88 -25.88 9.60
C LEU B 265 -4.16 -24.37 9.49
N LYS B 266 -3.25 -23.60 8.88
CA LYS B 266 -3.40 -22.15 8.68
C LYS B 266 -4.64 -21.83 7.82
N GLN B 267 -4.83 -22.58 6.72
CA GLN B 267 -5.95 -22.37 5.80
C GLN B 267 -7.29 -22.68 6.43
N ALA B 268 -7.35 -23.71 7.27
CA ALA B 268 -8.55 -24.10 8.01
C ALA B 268 -8.90 -23.05 9.06
N PHE B 269 -7.89 -22.50 9.79
CA PHE B 269 -8.13 -21.46 10.80
C PHE B 269 -8.54 -20.13 10.11
N ALA B 270 -7.96 -19.86 8.92
CA ALA B 270 -8.25 -18.67 8.10
C ALA B 270 -9.71 -18.67 7.63
N ARG B 271 -10.22 -19.83 7.16
CA ARG B 271 -11.61 -20.00 6.72
C ARG B 271 -12.57 -19.95 7.91
N ALA B 272 -12.21 -20.61 9.03
CA ALA B 272 -13.06 -20.58 10.24
C ALA B 272 -13.22 -19.16 10.75
N ALA B 273 -12.12 -18.39 10.75
CA ALA B 273 -12.05 -17.02 11.20
C ALA B 273 -13.10 -16.07 10.59
N ILE B 274 -13.49 -16.33 9.33
CA ILE B 274 -14.46 -15.51 8.59
C ILE B 274 -15.78 -15.39 9.37
N LEU B 275 -16.19 -16.51 10.00
CA LEU B 275 -17.44 -16.60 10.74
C LEU B 275 -17.24 -16.57 12.27
N SER B 276 -16.07 -16.09 12.73
CA SER B 276 -15.80 -15.92 14.15
C SER B 276 -16.30 -14.50 14.49
N ASN B 277 -16.53 -14.22 15.78
CA ASN B 277 -16.97 -12.90 16.24
C ASN B 277 -15.91 -11.86 15.82
N GLU B 278 -16.32 -10.75 15.19
CA GLU B 278 -15.39 -9.73 14.68
C GLU B 278 -14.51 -9.05 15.72
N LYS B 279 -15.01 -8.92 16.96
CA LYS B 279 -14.24 -8.30 18.01
C LYS B 279 -13.47 -9.36 18.82
N PHE B 280 -14.14 -10.47 19.17
CA PHE B 280 -13.58 -11.50 20.04
C PHE B 280 -12.77 -12.60 19.40
N ARG B 281 -13.07 -12.90 18.11
CA ARG B 281 -12.31 -13.82 17.29
C ARG B 281 -12.19 -15.26 17.80
N GLY B 282 -13.11 -15.63 18.68
CA GLY B 282 -13.13 -16.96 19.27
C GLY B 282 -13.42 -18.09 18.34
N VAL B 283 -12.57 -19.11 18.39
CA VAL B 283 -12.77 -20.36 17.65
C VAL B 283 -12.62 -21.49 18.68
N ARG B 284 -13.26 -22.63 18.40
CA ARG B 284 -13.22 -23.82 19.27
C ARG B 284 -12.47 -24.89 18.54
N LEU B 285 -11.59 -25.58 19.25
CA LEU B 285 -10.81 -26.69 18.73
C LEU B 285 -11.28 -27.94 19.48
N TYR B 286 -11.62 -29.01 18.74
N TYR B 286 -11.57 -29.01 18.73
CA TYR B 286 -11.92 -30.28 19.39
CA TYR B 286 -11.96 -30.30 19.27
C TYR B 286 -10.87 -31.28 18.93
C TYR B 286 -10.86 -31.29 18.89
N VAL B 287 -10.04 -31.69 19.87
CA VAL B 287 -8.96 -32.63 19.60
C VAL B 287 -9.43 -34.03 19.97
N SER B 288 -9.25 -34.96 19.03
CA SER B 288 -9.60 -36.37 19.20
C SER B 288 -8.56 -37.15 18.40
N GLU B 289 -8.58 -38.50 18.46
CA GLU B 289 -7.57 -39.35 17.82
C GLU B 289 -7.32 -39.04 16.35
N ASN B 290 -6.11 -38.52 16.04
CA ASN B 290 -5.67 -38.13 14.70
C ASN B 290 -6.67 -37.20 13.99
N GLN B 291 -7.39 -36.37 14.78
CA GLN B 291 -8.37 -35.45 14.20
C GLN B 291 -8.47 -34.15 14.92
N LEU B 292 -8.59 -33.07 14.15
CA LEU B 292 -8.83 -31.76 14.71
C LEU B 292 -10.07 -31.19 14.04
N LYS B 293 -11.04 -30.76 14.84
CA LYS B 293 -12.23 -30.10 14.29
C LYS B 293 -12.19 -28.66 14.79
N ILE B 294 -12.29 -27.68 13.87
CA ILE B 294 -12.26 -26.26 14.25
C ILE B 294 -13.64 -25.68 13.99
N THR B 295 -14.21 -24.96 14.95
CA THR B 295 -15.51 -24.35 14.73
C THR B 295 -15.52 -22.90 15.09
N ALA B 296 -16.39 -22.14 14.42
CA ALA B 296 -16.52 -20.72 14.72
C ALA B 296 -17.97 -20.34 14.53
N ASN B 297 -18.44 -19.43 15.36
CA ASN B 297 -19.77 -18.86 15.21
C ASN B 297 -19.76 -17.41 15.62
N ASN B 298 -20.69 -16.63 15.05
CA ASN B 298 -20.70 -15.22 15.35
C ASN B 298 -22.08 -14.84 15.91
N PRO B 299 -22.33 -13.57 16.32
CA PRO B 299 -23.65 -13.21 16.87
C PRO B 299 -24.84 -13.41 15.90
N GLU B 300 -24.60 -13.36 14.57
CA GLU B 300 -25.68 -13.59 13.62
C GLU B 300 -25.97 -15.05 13.30
N GLN B 301 -25.57 -15.97 14.21
CA GLN B 301 -25.79 -17.43 14.15
C GLN B 301 -25.15 -18.14 12.95
N GLU B 302 -24.15 -17.50 12.33
CA GLU B 302 -23.43 -18.13 11.21
C GLU B 302 -22.41 -19.08 11.79
N GLU B 303 -22.09 -20.16 11.09
CA GLU B 303 -21.20 -21.16 11.63
C GLU B 303 -20.23 -21.70 10.58
N ALA B 304 -18.96 -21.92 10.96
CA ALA B 304 -17.94 -22.54 10.13
C ALA B 304 -17.45 -23.81 10.85
N GLU B 305 -17.17 -24.86 10.09
CA GLU B 305 -16.63 -26.08 10.66
C GLU B 305 -15.55 -26.61 9.74
N GLU B 306 -14.36 -26.91 10.29
CA GLU B 306 -13.22 -27.44 9.55
C GLU B 306 -12.80 -28.72 10.22
N ILE B 307 -12.69 -29.82 9.48
CA ILE B 307 -12.23 -31.09 10.02
C ILE B 307 -10.91 -31.38 9.32
N LEU B 308 -9.84 -31.67 10.12
CA LEU B 308 -8.49 -31.96 9.61
C LEU B 308 -7.92 -33.26 10.21
N ASP B 309 -7.08 -33.95 9.42
CA ASP B 309 -6.32 -35.12 9.85
C ASP B 309 -5.03 -34.55 10.45
N VAL B 310 -4.73 -34.91 11.70
CA VAL B 310 -3.55 -34.44 12.44
C VAL B 310 -2.90 -35.66 13.08
N THR B 311 -1.75 -35.50 13.72
CA THR B 311 -1.18 -36.62 14.50
C THR B 311 -1.54 -36.29 15.95
N TYR B 312 -2.39 -37.12 16.58
CA TYR B 312 -2.79 -36.89 17.97
C TYR B 312 -3.26 -38.18 18.61
N SER B 313 -2.66 -38.55 19.75
CA SER B 313 -3.07 -39.77 20.46
C SER B 313 -3.67 -39.60 21.86
N GLY B 314 -3.49 -38.42 22.48
CA GLY B 314 -4.02 -38.11 23.81
C GLY B 314 -5.52 -38.18 24.03
N ALA B 315 -5.96 -37.71 25.22
CA ALA B 315 -7.39 -37.67 25.60
C ALA B 315 -8.13 -36.61 24.79
N GLU B 316 -9.42 -36.84 24.53
CA GLU B 316 -10.26 -35.88 23.83
C GLU B 316 -10.39 -34.60 24.64
N MET B 317 -10.42 -33.43 23.97
CA MET B 317 -10.44 -32.16 24.68
C MET B 317 -11.00 -31.04 23.80
N GLU B 318 -11.67 -30.06 24.41
CA GLU B 318 -12.17 -28.88 23.73
C GLU B 318 -11.42 -27.70 24.31
N ILE B 319 -10.94 -26.78 23.44
CA ILE B 319 -10.19 -25.59 23.88
C ILE B 319 -10.52 -24.41 22.96
N GLY B 320 -10.69 -23.25 23.56
CA GLY B 320 -11.04 -22.03 22.84
C GLY B 320 -9.85 -21.13 22.66
N PHE B 321 -9.69 -20.53 21.46
CA PHE B 321 -8.61 -19.61 21.16
C PHE B 321 -9.05 -18.42 20.35
N ASN B 322 -8.35 -17.29 20.54
CA ASN B 322 -8.51 -16.12 19.71
C ASN B 322 -7.79 -16.55 18.41
N VAL B 323 -8.56 -16.70 17.33
CA VAL B 323 -8.05 -17.15 16.03
C VAL B 323 -6.94 -16.25 15.43
N SER B 324 -6.96 -14.94 15.70
CA SER B 324 -5.93 -14.01 15.21
C SER B 324 -4.56 -14.35 15.85
N TYR B 325 -4.57 -14.73 17.17
CA TYR B 325 -3.34 -15.15 17.89
C TYR B 325 -2.79 -16.44 17.29
N VAL B 326 -3.66 -17.39 16.91
CA VAL B 326 -3.20 -18.66 16.31
C VAL B 326 -2.61 -18.39 14.91
N LEU B 327 -3.36 -17.63 14.08
CA LEU B 327 -2.94 -17.27 12.72
C LEU B 327 -1.62 -16.48 12.71
N ASP B 328 -1.41 -15.58 13.68
CA ASP B 328 -0.14 -14.82 13.83
C ASP B 328 1.07 -15.78 14.00
N VAL B 329 0.89 -16.84 14.80
CA VAL B 329 1.91 -17.86 15.03
C VAL B 329 2.17 -18.68 13.75
N LEU B 330 1.10 -19.18 13.11
CA LEU B 330 1.22 -19.97 11.91
C LEU B 330 1.86 -19.16 10.76
N ASN B 331 1.61 -17.85 10.70
CA ASN B 331 2.23 -17.00 9.69
C ASN B 331 3.70 -16.68 10.00
N ALA B 332 4.07 -16.69 11.29
CA ALA B 332 5.46 -16.45 11.72
C ALA B 332 6.32 -17.67 11.45
N LEU B 333 5.74 -18.88 11.54
CA LEU B 333 6.44 -20.13 11.28
C LEU B 333 6.46 -20.34 9.77
N LYS B 334 7.57 -20.79 9.20
CA LYS B 334 7.68 -21.00 7.77
C LYS B 334 8.20 -22.40 7.53
N CYS B 335 7.48 -23.37 8.11
CA CYS B 335 7.84 -24.78 8.13
C CYS B 335 6.74 -25.64 7.57
N GLU B 336 7.08 -26.90 7.23
CA GLU B 336 6.09 -27.82 6.72
C GLU B 336 5.11 -28.25 7.81
N ASN B 337 5.61 -28.62 9.00
CA ASN B 337 4.77 -29.12 10.09
C ASN B 337 4.93 -28.38 11.37
N VAL B 338 3.82 -28.23 12.10
CA VAL B 338 3.81 -27.54 13.39
C VAL B 338 3.48 -28.54 14.47
N ARG B 339 3.94 -28.27 15.67
CA ARG B 339 3.63 -29.11 16.82
C ARG B 339 2.95 -28.23 17.85
N MET B 340 1.86 -28.72 18.43
CA MET B 340 1.13 -28.01 19.49
C MET B 340 1.20 -28.83 20.77
N MET B 341 1.64 -28.23 21.88
CA MET B 341 1.79 -28.89 23.19
C MET B 341 0.73 -28.33 24.13
N LEU B 342 -0.07 -29.20 24.74
CA LEU B 342 -1.20 -28.78 25.58
C LEU B 342 -1.26 -29.54 26.93
N THR B 343 -2.00 -28.98 27.89
CA THR B 343 -2.32 -29.68 29.14
C THR B 343 -3.85 -29.77 29.20
N ASP B 344 -4.52 -28.65 29.46
CA ASP B 344 -5.97 -28.62 29.57
C ASP B 344 -6.53 -27.36 28.90
N SER B 345 -7.86 -27.22 28.92
CA SER B 345 -8.58 -26.11 28.30
C SER B 345 -8.40 -24.73 28.96
N VAL B 346 -7.81 -24.68 30.16
CA VAL B 346 -7.63 -23.43 30.90
C VAL B 346 -6.15 -23.05 31.08
N SER B 347 -5.29 -23.74 30.35
CA SER B 347 -3.84 -23.54 30.42
C SER B 347 -3.25 -23.22 29.07
N SER B 348 -2.10 -22.54 29.07
CA SER B 348 -1.39 -22.14 27.85
C SER B 348 -1.06 -23.30 26.95
N VAL B 349 -0.92 -23.00 25.67
CA VAL B 349 -0.53 -23.97 24.67
C VAL B 349 0.79 -23.46 24.05
N GLN B 350 1.70 -24.38 23.78
CA GLN B 350 2.96 -24.06 23.13
C GLN B 350 2.89 -24.54 21.71
N ILE B 351 3.26 -23.69 20.76
CA ILE B 351 3.26 -24.00 19.35
C ILE B 351 4.68 -23.76 18.81
N GLU B 352 5.15 -24.64 17.96
CA GLU B 352 6.49 -24.50 17.43
C GLU B 352 6.60 -25.30 16.17
N ASP B 353 7.68 -25.07 15.41
CA ASP B 353 7.99 -25.86 14.22
C ASP B 353 8.25 -27.28 14.77
N ALA B 354 7.69 -28.31 14.14
CA ALA B 354 7.87 -29.70 14.56
C ALA B 354 9.33 -30.15 14.47
N ALA B 355 10.17 -29.43 13.67
CA ALA B 355 11.60 -29.75 13.46
C ALA B 355 12.61 -28.68 13.98
N SER B 356 12.17 -27.77 14.88
CA SER B 356 13.02 -26.71 15.44
C SER B 356 12.46 -26.15 16.74
N GLN B 357 13.27 -26.20 17.81
CA GLN B 357 12.92 -25.64 19.11
C GLN B 357 13.54 -24.24 19.30
N SER B 358 14.12 -23.66 18.21
CA SER B 358 14.74 -22.32 18.26
C SER B 358 13.69 -21.23 18.57
N ALA B 359 12.45 -21.40 18.04
CA ALA B 359 11.32 -20.50 18.29
C ALA B 359 10.15 -21.19 19.01
N ALA B 360 9.67 -20.62 20.10
CA ALA B 360 8.52 -21.17 20.81
C ALA B 360 7.44 -20.09 20.89
N TYR B 361 6.17 -20.50 20.70
CA TYR B 361 5.05 -19.57 20.82
C TYR B 361 4.08 -20.09 21.85
N VAL B 362 3.71 -19.23 22.80
CA VAL B 362 2.82 -19.58 23.89
C VAL B 362 1.56 -18.70 23.82
N VAL B 363 0.39 -19.35 23.66
CA VAL B 363 -0.91 -18.66 23.52
C VAL B 363 -1.83 -19.09 24.67
N MET B 364 -2.35 -18.11 25.43
CA MET B 364 -3.32 -18.40 26.47
C MET B 364 -4.69 -18.62 25.76
N PRO B 365 -5.47 -19.61 26.20
CA PRO B 365 -6.79 -19.82 25.58
C PRO B 365 -7.84 -18.82 26.07
N MET B 366 -9.04 -18.95 25.51
CA MET B 366 -10.23 -18.16 25.88
C MET B 366 -11.24 -19.08 26.57
N ARG B 367 -11.99 -18.56 27.56
CA ARG B 367 -12.99 -19.43 28.21
C ARG B 367 -14.15 -19.78 27.27
C ACE C 1 -3.21 31.40 -8.97
O ACE C 1 -3.26 32.04 -10.00
CH3 ACE C 1 -2.48 31.95 -7.73
N GLN C 2 -3.72 30.21 -8.81
CA GLN C 2 -4.42 29.36 -9.75
C GLN C 2 -5.63 29.98 -10.40
N ALC C 3 -5.54 30.03 -11.74
CA ALC C 3 -6.60 30.58 -12.62
C ALC C 3 -7.53 29.39 -13.02
O ALC C 3 -7.17 28.17 -13.06
CB ALC C 3 -5.98 31.19 -13.90
CG ALC C 3 -4.95 32.31 -13.50
CD2 ALC C 3 -4.10 32.73 -14.75
CE2 ALC C 3 -3.18 33.80 -14.29
CZ ALC C 3 -4.06 35.02 -14.19
CE1 ALC C 3 -4.98 34.87 -12.94
CD1 ALC C 3 -5.61 33.47 -12.67
N ASP C 4 -8.73 29.83 -13.34
CA ASP C 4 -9.86 28.99 -13.80
C ASP C 4 -9.81 28.88 -15.34
N LEU C 5 -10.11 27.71 -15.90
CA LEU C 5 -10.35 27.46 -17.47
C LEU C 5 -11.50 28.17 -17.97
N ZCL C 6 -12.58 28.24 -17.22
O ZCL C 6 -14.22 30.37 -15.60
CLZ ZCL C 6 -13.65 22.65 -19.96
CE2 ZCL C 6 -14.73 25.23 -20.17
CE1 ZCL C 6 -14.02 24.42 -17.97
CLE1 ZCL C 6 -13.39 23.23 -16.99
CD2 ZCL C 6 -15.06 26.44 -19.52
CD1 ZCL C 6 -14.36 25.57 -17.35
CB ZCL C 6 -15.22 27.90 -17.36
C ZCL C 6 -13.94 30.26 -16.84
CZ ZCL C 6 -14.18 24.20 -19.37
CG ZCL C 6 -14.89 26.63 -18.12
CA ZCL C 6 -13.92 28.82 -17.52
OXT ZCL C 6 -13.61 31.27 -17.56
C ACE D 1 -11.51 -15.08 27.84
O ACE D 1 -11.17 -16.19 28.21
CH3 ACE D 1 -12.95 -14.66 27.96
N GLN D 2 -10.76 -14.16 27.32
CA GLN D 2 -9.36 -14.24 27.07
C GLN D 2 -8.65 -14.39 28.40
N ALC D 3 -7.86 -15.48 28.49
CA ALC D 3 -7.04 -15.78 29.77
C ALC D 3 -5.66 -15.01 29.65
O ALC D 3 -5.21 -14.71 28.57
CB ALC D 3 -6.88 -17.30 30.04
CG ALC D 3 -8.29 -17.96 30.14
CD2 ALC D 3 -8.16 -19.50 29.97
CE2 ALC D 3 -9.57 -20.15 30.09
CZ ALC D 3 -9.99 -19.95 31.49
CE1 ALC D 3 -10.11 -18.43 31.90
CD1 ALC D 3 -8.96 -17.45 31.45
N ASP D 4 -5.08 -14.67 30.77
CA ASP D 4 -3.81 -13.97 31.11
C ASP D 4 -2.74 -15.04 31.24
N LEU D 5 -1.56 -14.77 30.67
CA LEU D 5 -0.28 -15.67 30.75
C LEU D 5 0.37 -15.72 32.18
N ZCL D 6 0.38 -14.68 32.94
O ZCL D 6 -1.46 -13.54 34.41
CLZ ZCL D 6 6.15 -14.10 30.15
CE2 ZCL D 6 5.39 -14.55 32.78
CE1 ZCL D 6 3.97 -13.27 31.26
CLE1 ZCL D 6 3.74 -12.64 29.73
CD2 ZCL D 6 4.39 -14.38 33.73
CD1 ZCL D 6 3.01 -13.07 32.19
CB ZCL D 6 2.09 -13.44 34.49
C ZCL D 6 -0.44 -13.98 35.09
CZ ZCL D 6 5.14 -13.98 31.50
CG ZCL D 6 3.19 -13.64 33.47
CA ZCL D 6 0.89 -14.48 34.31
OXT ZCL D 6 -0.50 -14.01 36.38
NA NA E . -2.89 -25.04 34.54
#